data_1HMC
# 
_entry.id   1HMC 
# 
_audit_conform.dict_name       mmcif_pdbx.dic 
_audit_conform.dict_version    5.386 
_audit_conform.dict_location   http://mmcif.pdb.org/dictionaries/ascii/mmcif_pdbx.dic 
# 
loop_
_database_2.database_id 
_database_2.database_code 
_database_2.pdbx_database_accession 
_database_2.pdbx_DOI 
PDB   1HMC         pdb_00001hmc 10.2210/pdb1hmc/pdb 
WWPDB D_1000173908 ?            ?                   
# 
loop_
_pdbx_audit_revision_history.ordinal 
_pdbx_audit_revision_history.data_content_type 
_pdbx_audit_revision_history.major_revision 
_pdbx_audit_revision_history.minor_revision 
_pdbx_audit_revision_history.revision_date 
1 'Structure model' 1 0 1994-04-30 
2 'Structure model' 1 1 2008-03-24 
3 'Structure model' 1 2 2011-07-13 
4 'Structure model' 1 3 2024-02-07 
# 
_pdbx_audit_revision_details.ordinal             1 
_pdbx_audit_revision_details.revision_ordinal    1 
_pdbx_audit_revision_details.data_content_type   'Structure model' 
_pdbx_audit_revision_details.provider            repository 
_pdbx_audit_revision_details.type                'Initial release' 
_pdbx_audit_revision_details.description         ? 
_pdbx_audit_revision_details.details             ? 
# 
loop_
_pdbx_audit_revision_group.ordinal 
_pdbx_audit_revision_group.revision_ordinal 
_pdbx_audit_revision_group.data_content_type 
_pdbx_audit_revision_group.group 
1 2 'Structure model' 'Version format compliance' 
2 3 'Structure model' 'Version format compliance' 
3 4 'Structure model' 'Data collection'           
4 4 'Structure model' 'Database references'       
5 4 'Structure model' Other                       
# 
loop_
_pdbx_audit_revision_category.ordinal 
_pdbx_audit_revision_category.revision_ordinal 
_pdbx_audit_revision_category.data_content_type 
_pdbx_audit_revision_category.category 
1 4 'Structure model' chem_comp_atom       
2 4 'Structure model' chem_comp_bond       
3 4 'Structure model' database_2           
4 4 'Structure model' pdbx_database_status 
# 
loop_
_pdbx_audit_revision_item.ordinal 
_pdbx_audit_revision_item.revision_ordinal 
_pdbx_audit_revision_item.data_content_type 
_pdbx_audit_revision_item.item 
1 4 'Structure model' '_database_2.pdbx_DOI'                
2 4 'Structure model' '_database_2.pdbx_database_accession' 
3 4 'Structure model' '_pdbx_database_status.process_site'  
# 
_pdbx_database_status.status_code                     REL 
_pdbx_database_status.entry_id                        1HMC 
_pdbx_database_status.recvd_initial_deposition_date   1993-12-22 
_pdbx_database_status.deposit_site                    ? 
_pdbx_database_status.process_site                    BNL 
_pdbx_database_status.SG_entry                        . 
_pdbx_database_status.status_code_sf                  ? 
_pdbx_database_status.status_code_mr                  ? 
_pdbx_database_status.pdb_format_compatible           Y 
_pdbx_database_status.status_code_cs                  ? 
_pdbx_database_status.status_code_nmr_data            ? 
_pdbx_database_status.methods_development_category    ? 
# 
loop_
_audit_author.name 
_audit_author.pdbx_ordinal 
'Bohm, A.'      1 
'Pandit, J.'    2 
'Jancarik, J.'  3 
'Halenbeck, R.' 4 
'Koths, K.'     5 
'Kim, S.-H.'    6 
# 
_citation.id                        primary 
_citation.title                     
'Three-dimensional structure of dimeric human recombinant macrophage colony-stimulating factor.' 
_citation.journal_abbrev            Science 
_citation.journal_volume            258 
_citation.page_first                1358 
_citation.page_last                 1362 
_citation.year                      1992 
_citation.journal_id_ASTM           SCIEAS 
_citation.country                   US 
_citation.journal_id_ISSN           0036-8075 
_citation.journal_id_CSD            0038 
_citation.book_publisher            ? 
_citation.pdbx_database_id_PubMed   1455231 
_citation.pdbx_database_id_DOI      ? 
# 
loop_
_citation_author.citation_id 
_citation_author.name 
_citation_author.ordinal 
_citation_author.identifier_ORCID 
primary 'Pandit, J.'    1 ? 
primary 'Bohm, A.'      2 ? 
primary 'Jancarik, J.'  3 ? 
primary 'Halenbeck, R.' 4 ? 
primary 'Koths, K.'     5 ? 
primary 'Kim, S.H.'     6 ? 
# 
_entity.id                         1 
_entity.type                       polymer 
_entity.src_method                 man 
_entity.pdbx_description           'HUMAN MACROPHAGE COLONY STIMULATING FACTOR' 
_entity.formula_weight             17292.590 
_entity.pdbx_number_of_molecules   2 
_entity.pdbx_ec                    ? 
_entity.pdbx_mutation              ? 
_entity.pdbx_fragment              ? 
_entity.details                    ? 
# 
_entity_poly.entity_id                      1 
_entity_poly.type                           'polypeptide(L)' 
_entity_poly.nstd_linkage                   no 
_entity_poly.nstd_monomer                   no 
_entity_poly.pdbx_seq_one_letter_code       
;SEYCSHMIGSGHLQSLQRLIDSQMETSCQITFEFVDQEQLKDPVCYLKKAFLLVQDIMEDTMRFRDNTPNAIAIVQLQEL
SLRLKSCFTKDYEEHDKACVRTFYETPLQLLEKVKNVFNETKNLLDKDWNIFSKNCNNSFAECSSQGH
;
_entity_poly.pdbx_seq_one_letter_code_can   
;SEYCSHMIGSGHLQSLQRLIDSQMETSCQITFEFVDQEQLKDPVCYLKKAFLLVQDIMEDTMRFRDNTPNAIAIVQLQEL
SLRLKSCFTKDYEEHDKACVRTFYETPLQLLEKVKNVFNETKNLLDKDWNIFSKNCNNSFAECSSQGH
;
_entity_poly.pdbx_strand_id                 A,B 
_entity_poly.pdbx_target_identifier         ? 
# 
loop_
_entity_poly_seq.entity_id 
_entity_poly_seq.num 
_entity_poly_seq.mon_id 
_entity_poly_seq.hetero 
1 1   SER n 
1 2   GLU n 
1 3   TYR n 
1 4   CYS n 
1 5   SER n 
1 6   HIS n 
1 7   MET n 
1 8   ILE n 
1 9   GLY n 
1 10  SER n 
1 11  GLY n 
1 12  HIS n 
1 13  LEU n 
1 14  GLN n 
1 15  SER n 
1 16  LEU n 
1 17  GLN n 
1 18  ARG n 
1 19  LEU n 
1 20  ILE n 
1 21  ASP n 
1 22  SER n 
1 23  GLN n 
1 24  MET n 
1 25  GLU n 
1 26  THR n 
1 27  SER n 
1 28  CYS n 
1 29  GLN n 
1 30  ILE n 
1 31  THR n 
1 32  PHE n 
1 33  GLU n 
1 34  PHE n 
1 35  VAL n 
1 36  ASP n 
1 37  GLN n 
1 38  GLU n 
1 39  GLN n 
1 40  LEU n 
1 41  LYS n 
1 42  ASP n 
1 43  PRO n 
1 44  VAL n 
1 45  CYS n 
1 46  TYR n 
1 47  LEU n 
1 48  LYS n 
1 49  LYS n 
1 50  ALA n 
1 51  PHE n 
1 52  LEU n 
1 53  LEU n 
1 54  VAL n 
1 55  GLN n 
1 56  ASP n 
1 57  ILE n 
1 58  MET n 
1 59  GLU n 
1 60  ASP n 
1 61  THR n 
1 62  MET n 
1 63  ARG n 
1 64  PHE n 
1 65  ARG n 
1 66  ASP n 
1 67  ASN n 
1 68  THR n 
1 69  PRO n 
1 70  ASN n 
1 71  ALA n 
1 72  ILE n 
1 73  ALA n 
1 74  ILE n 
1 75  VAL n 
1 76  GLN n 
1 77  LEU n 
1 78  GLN n 
1 79  GLU n 
1 80  LEU n 
1 81  SER n 
1 82  LEU n 
1 83  ARG n 
1 84  LEU n 
1 85  LYS n 
1 86  SER n 
1 87  CYS n 
1 88  PHE n 
1 89  THR n 
1 90  LYS n 
1 91  ASP n 
1 92  TYR n 
1 93  GLU n 
1 94  GLU n 
1 95  HIS n 
1 96  ASP n 
1 97  LYS n 
1 98  ALA n 
1 99  CYS n 
1 100 VAL n 
1 101 ARG n 
1 102 THR n 
1 103 PHE n 
1 104 TYR n 
1 105 GLU n 
1 106 THR n 
1 107 PRO n 
1 108 LEU n 
1 109 GLN n 
1 110 LEU n 
1 111 LEU n 
1 112 GLU n 
1 113 LYS n 
1 114 VAL n 
1 115 LYS n 
1 116 ASN n 
1 117 VAL n 
1 118 PHE n 
1 119 ASN n 
1 120 GLU n 
1 121 THR n 
1 122 LYS n 
1 123 ASN n 
1 124 LEU n 
1 125 LEU n 
1 126 ASP n 
1 127 LYS n 
1 128 ASP n 
1 129 TRP n 
1 130 ASN n 
1 131 ILE n 
1 132 PHE n 
1 133 SER n 
1 134 LYS n 
1 135 ASN n 
1 136 CYS n 
1 137 ASN n 
1 138 ASN n 
1 139 SER n 
1 140 PHE n 
1 141 ALA n 
1 142 GLU n 
1 143 CYS n 
1 144 SER n 
1 145 SER n 
1 146 GLN n 
1 147 GLY n 
1 148 HIS n 
# 
_entity_src_gen.entity_id                          1 
_entity_src_gen.pdbx_src_id                        1 
_entity_src_gen.pdbx_alt_source_flag               sample 
_entity_src_gen.pdbx_seq_type                      ? 
_entity_src_gen.pdbx_beg_seq_num                   ? 
_entity_src_gen.pdbx_end_seq_num                   ? 
_entity_src_gen.gene_src_common_name               human 
_entity_src_gen.gene_src_genus                     Homo 
_entity_src_gen.pdbx_gene_src_gene                 ? 
_entity_src_gen.gene_src_species                   ? 
_entity_src_gen.gene_src_strain                    ? 
_entity_src_gen.gene_src_tissue                    ? 
_entity_src_gen.gene_src_tissue_fraction           ? 
_entity_src_gen.gene_src_details                   ? 
_entity_src_gen.pdbx_gene_src_fragment             ? 
_entity_src_gen.pdbx_gene_src_scientific_name      'Homo sapiens' 
_entity_src_gen.pdbx_gene_src_ncbi_taxonomy_id     9606 
_entity_src_gen.pdbx_gene_src_variant              ? 
_entity_src_gen.pdbx_gene_src_cell_line            ? 
_entity_src_gen.pdbx_gene_src_atcc                 ? 
_entity_src_gen.pdbx_gene_src_organ                ? 
_entity_src_gen.pdbx_gene_src_organelle            ? 
_entity_src_gen.pdbx_gene_src_cell                 ? 
_entity_src_gen.pdbx_gene_src_cellular_location    ? 
_entity_src_gen.host_org_common_name               ? 
_entity_src_gen.pdbx_host_org_scientific_name      ? 
_entity_src_gen.pdbx_host_org_ncbi_taxonomy_id     ? 
_entity_src_gen.host_org_genus                     ? 
_entity_src_gen.pdbx_host_org_gene                 ? 
_entity_src_gen.pdbx_host_org_organ                ? 
_entity_src_gen.host_org_species                   ? 
_entity_src_gen.pdbx_host_org_tissue               ? 
_entity_src_gen.pdbx_host_org_tissue_fraction      ? 
_entity_src_gen.pdbx_host_org_strain               ? 
_entity_src_gen.pdbx_host_org_variant              ? 
_entity_src_gen.pdbx_host_org_cell_line            ? 
_entity_src_gen.pdbx_host_org_atcc                 ? 
_entity_src_gen.pdbx_host_org_culture_collection   ? 
_entity_src_gen.pdbx_host_org_cell                 ? 
_entity_src_gen.pdbx_host_org_organelle            ? 
_entity_src_gen.pdbx_host_org_cellular_location    ? 
_entity_src_gen.pdbx_host_org_vector_type          ? 
_entity_src_gen.pdbx_host_org_vector               ? 
_entity_src_gen.host_org_details                   ? 
_entity_src_gen.expression_system_id               ? 
_entity_src_gen.plasmid_name                       ? 
_entity_src_gen.plasmid_details                    ? 
_entity_src_gen.pdbx_description                   ? 
# 
loop_
_chem_comp.id 
_chem_comp.type 
_chem_comp.mon_nstd_flag 
_chem_comp.name 
_chem_comp.pdbx_synonyms 
_chem_comp.formula 
_chem_comp.formula_weight 
ALA 'L-peptide linking' y ALANINE         ? 'C3 H7 N O2'     89.093  
ARG 'L-peptide linking' y ARGININE        ? 'C6 H15 N4 O2 1' 175.209 
ASN 'L-peptide linking' y ASPARAGINE      ? 'C4 H8 N2 O3'    132.118 
ASP 'L-peptide linking' y 'ASPARTIC ACID' ? 'C4 H7 N O4'     133.103 
CYS 'L-peptide linking' y CYSTEINE        ? 'C3 H7 N O2 S'   121.158 
GLN 'L-peptide linking' y GLUTAMINE       ? 'C5 H10 N2 O3'   146.144 
GLU 'L-peptide linking' y 'GLUTAMIC ACID' ? 'C5 H9 N O4'     147.129 
GLY 'peptide linking'   y GLYCINE         ? 'C2 H5 N O2'     75.067  
HIS 'L-peptide linking' y HISTIDINE       ? 'C6 H10 N3 O2 1' 156.162 
ILE 'L-peptide linking' y ISOLEUCINE      ? 'C6 H13 N O2'    131.173 
LEU 'L-peptide linking' y LEUCINE         ? 'C6 H13 N O2'    131.173 
LYS 'L-peptide linking' y LYSINE          ? 'C6 H15 N2 O2 1' 147.195 
MET 'L-peptide linking' y METHIONINE      ? 'C5 H11 N O2 S'  149.211 
PHE 'L-peptide linking' y PHENYLALANINE   ? 'C9 H11 N O2'    165.189 
PRO 'L-peptide linking' y PROLINE         ? 'C5 H9 N O2'     115.130 
SER 'L-peptide linking' y SERINE          ? 'C3 H7 N O3'     105.093 
THR 'L-peptide linking' y THREONINE       ? 'C4 H9 N O3'     119.119 
TRP 'L-peptide linking' y TRYPTOPHAN      ? 'C11 H12 N2 O2'  204.225 
TYR 'L-peptide linking' y TYROSINE        ? 'C9 H11 N O3'    181.189 
VAL 'L-peptide linking' y VALINE          ? 'C5 H11 N O2'    117.146 
# 
loop_
_pdbx_poly_seq_scheme.asym_id 
_pdbx_poly_seq_scheme.entity_id 
_pdbx_poly_seq_scheme.seq_id 
_pdbx_poly_seq_scheme.mon_id 
_pdbx_poly_seq_scheme.ndb_seq_num 
_pdbx_poly_seq_scheme.pdb_seq_num 
_pdbx_poly_seq_scheme.auth_seq_num 
_pdbx_poly_seq_scheme.pdb_mon_id 
_pdbx_poly_seq_scheme.auth_mon_id 
_pdbx_poly_seq_scheme.pdb_strand_id 
_pdbx_poly_seq_scheme.pdb_ins_code 
_pdbx_poly_seq_scheme.hetero 
A 1 1   SER 1   4   4   SER SER A . n 
A 1 2   GLU 2   5   5   GLU GLU A . n 
A 1 3   TYR 3   6   6   TYR TYR A . n 
A 1 4   CYS 4   7   7   CYS CYS A . n 
A 1 5   SER 5   8   8   SER SER A . n 
A 1 6   HIS 6   9   9   HIS HIS A . n 
A 1 7   MET 7   10  10  MET MET A . n 
A 1 8   ILE 8   11  11  ILE ILE A . n 
A 1 9   GLY 9   12  12  GLY GLY A . n 
A 1 10  SER 10  13  13  SER SER A . n 
A 1 11  GLY 11  14  14  GLY GLY A . n 
A 1 12  HIS 12  15  15  HIS HIS A . n 
A 1 13  LEU 13  16  16  LEU LEU A . n 
A 1 14  GLN 14  17  17  GLN GLN A . n 
A 1 15  SER 15  18  18  SER SER A . n 
A 1 16  LEU 16  19  19  LEU LEU A . n 
A 1 17  GLN 17  20  20  GLN GLN A . n 
A 1 18  ARG 18  21  21  ARG ARG A . n 
A 1 19  LEU 19  22  22  LEU LEU A . n 
A 1 20  ILE 20  23  23  ILE ILE A . n 
A 1 21  ASP 21  24  24  ASP ASP A . n 
A 1 22  SER 22  25  25  SER SER A . n 
A 1 23  GLN 23  26  26  GLN GLN A . n 
A 1 24  MET 24  27  27  MET MET A . n 
A 1 25  GLU 25  28  28  GLU GLU A . n 
A 1 26  THR 26  29  29  THR THR A . n 
A 1 27  SER 27  30  30  SER SER A . n 
A 1 28  CYS 28  31  31  CYS CYS A . n 
A 1 29  GLN 29  32  32  GLN GLN A . n 
A 1 30  ILE 30  33  33  ILE ILE A . n 
A 1 31  THR 31  34  34  THR THR A . n 
A 1 32  PHE 32  35  35  PHE PHE A . n 
A 1 33  GLU 33  36  36  GLU GLU A . n 
A 1 34  PHE 34  37  37  PHE PHE A . n 
A 1 35  VAL 35  38  38  VAL VAL A . n 
A 1 36  ASP 36  39  39  ASP ASP A . n 
A 1 37  GLN 37  40  40  GLN GLN A . n 
A 1 38  GLU 38  41  41  GLU GLU A . n 
A 1 39  GLN 39  42  42  GLN GLN A . n 
A 1 40  LEU 40  43  43  LEU LEU A . n 
A 1 41  LYS 41  44  44  LYS LYS A . n 
A 1 42  ASP 42  45  45  ASP ASP A . n 
A 1 43  PRO 43  46  46  PRO PRO A . n 
A 1 44  VAL 44  47  47  VAL VAL A . n 
A 1 45  CYS 45  48  48  CYS CYS A . n 
A 1 46  TYR 46  49  49  TYR TYR A . n 
A 1 47  LEU 47  50  50  LEU LEU A . n 
A 1 48  LYS 48  51  51  LYS LYS A . n 
A 1 49  LYS 49  52  52  LYS LYS A . n 
A 1 50  ALA 50  53  53  ALA ALA A . n 
A 1 51  PHE 51  54  54  PHE PHE A . n 
A 1 52  LEU 52  55  55  LEU LEU A . n 
A 1 53  LEU 53  56  56  LEU LEU A . n 
A 1 54  VAL 54  57  57  VAL VAL A . n 
A 1 55  GLN 55  58  58  GLN GLN A . n 
A 1 56  ASP 56  59  59  ASP ASP A . n 
A 1 57  ILE 57  60  60  ILE ILE A . n 
A 1 58  MET 58  61  61  MET MET A . n 
A 1 59  GLU 59  62  62  GLU GLU A . n 
A 1 60  ASP 60  63  63  ASP ASP A . n 
A 1 61  THR 61  64  64  THR THR A . n 
A 1 62  MET 62  65  65  MET MET A . n 
A 1 63  ARG 63  66  66  ARG ARG A . n 
A 1 64  PHE 64  67  67  PHE PHE A . n 
A 1 65  ARG 65  68  68  ARG ARG A . n 
A 1 66  ASP 66  69  69  ASP ASP A . n 
A 1 67  ASN 67  70  70  ASN ASN A . n 
A 1 68  THR 68  71  71  THR THR A . n 
A 1 69  PRO 69  72  72  PRO PRO A . n 
A 1 70  ASN 70  73  73  ASN ASN A . n 
A 1 71  ALA 71  74  74  ALA ALA A . n 
A 1 72  ILE 72  75  75  ILE ILE A . n 
A 1 73  ALA 73  76  76  ALA ALA A . n 
A 1 74  ILE 74  77  77  ILE ILE A . n 
A 1 75  VAL 75  78  78  VAL VAL A . n 
A 1 76  GLN 76  79  79  GLN GLN A . n 
A 1 77  LEU 77  80  80  LEU LEU A . n 
A 1 78  GLN 78  81  81  GLN GLN A . n 
A 1 79  GLU 79  82  82  GLU GLU A . n 
A 1 80  LEU 80  83  83  LEU LEU A . n 
A 1 81  SER 81  84  84  SER SER A . n 
A 1 82  LEU 82  85  85  LEU LEU A . n 
A 1 83  ARG 83  86  86  ARG ARG A . n 
A 1 84  LEU 84  87  87  LEU LEU A . n 
A 1 85  LYS 85  88  88  LYS LYS A . n 
A 1 86  SER 86  89  89  SER SER A . n 
A 1 87  CYS 87  90  90  CYS CYS A . n 
A 1 88  PHE 88  91  91  PHE PHE A . n 
A 1 89  THR 89  92  92  THR THR A . n 
A 1 90  LYS 90  93  93  LYS LYS A . n 
A 1 91  ASP 91  94  94  ASP ASP A . n 
A 1 92  TYR 92  95  95  TYR TYR A . n 
A 1 93  GLU 93  96  96  GLU GLU A . n 
A 1 94  GLU 94  97  97  GLU GLU A . n 
A 1 95  HIS 95  98  98  HIS HIS A . n 
A 1 96  ASP 96  99  99  ASP ASP A . n 
A 1 97  LYS 97  100 100 LYS LYS A . n 
A 1 98  ALA 98  101 101 ALA ALA A . n 
A 1 99  CYS 99  102 102 CYS CYS A . n 
A 1 100 VAL 100 103 103 VAL VAL A . n 
A 1 101 ARG 101 104 104 ARG ARG A . n 
A 1 102 THR 102 105 105 THR THR A . n 
A 1 103 PHE 103 106 106 PHE PHE A . n 
A 1 104 TYR 104 107 107 TYR TYR A . n 
A 1 105 GLU 105 108 108 GLU GLU A . n 
A 1 106 THR 106 109 109 THR THR A . n 
A 1 107 PRO 107 110 110 PRO PRO A . n 
A 1 108 LEU 108 111 111 LEU LEU A . n 
A 1 109 GLN 109 112 112 GLN GLN A . n 
A 1 110 LEU 110 113 113 LEU LEU A . n 
A 1 111 LEU 111 114 114 LEU LEU A . n 
A 1 112 GLU 112 115 115 GLU GLU A . n 
A 1 113 LYS 113 116 116 LYS LYS A . n 
A 1 114 VAL 114 117 117 VAL VAL A . n 
A 1 115 LYS 115 118 118 LYS LYS A . n 
A 1 116 ASN 116 119 119 ASN ASN A . n 
A 1 117 VAL 117 120 120 VAL VAL A . n 
A 1 118 PHE 118 121 121 PHE PHE A . n 
A 1 119 ASN 119 122 122 ASN ASN A . n 
A 1 120 GLU 120 123 123 GLU GLU A . n 
A 1 121 THR 121 124 124 THR THR A . n 
A 1 122 LYS 122 125 125 LYS LYS A . n 
A 1 123 ASN 123 126 126 ASN ASN A . n 
A 1 124 LEU 124 127 127 LEU LEU A . n 
A 1 125 LEU 125 128 128 LEU LEU A . n 
A 1 126 ASP 126 129 129 ASP ASP A . n 
A 1 127 LYS 127 130 130 LYS LYS A . n 
A 1 128 ASP 128 131 131 ASP ASP A . n 
A 1 129 TRP 129 132 132 TRP TRP A . n 
A 1 130 ASN 130 133 133 ASN ASN A . n 
A 1 131 ILE 131 134 134 ILE ILE A . n 
A 1 132 PHE 132 135 135 PHE PHE A . n 
A 1 133 SER 133 136 136 SER SER A . n 
A 1 134 LYS 134 137 137 LYS LYS A . n 
A 1 135 ASN 135 138 138 ASN ASN A . n 
A 1 136 CYS 136 139 139 CYS CYS A . n 
A 1 137 ASN 137 140 140 ASN ASN A . n 
A 1 138 ASN 138 141 141 ASN ASN A . n 
A 1 139 SER 139 142 142 SER SER A . n 
A 1 140 PHE 140 143 143 PHE PHE A . n 
A 1 141 ALA 141 144 144 ALA ALA A . n 
A 1 142 GLU 142 145 145 GLU GLU A . n 
A 1 143 CYS 143 146 146 CYS CYS A . n 
A 1 144 SER 144 147 147 SER SER A . n 
A 1 145 SER 145 148 148 SER SER A . n 
A 1 146 GLN 146 149 149 GLN GLN A . n 
A 1 147 GLY 147 150 150 GLY GLY A . n 
A 1 148 HIS 148 151 151 HIS HIS A . n 
B 1 1   SER 1   4   4   SER SER B . n 
B 1 2   GLU 2   5   5   GLU GLU B . n 
B 1 3   TYR 3   6   6   TYR TYR B . n 
B 1 4   CYS 4   7   7   CYS CYS B . n 
B 1 5   SER 5   8   8   SER SER B . n 
B 1 6   HIS 6   9   9   HIS HIS B . n 
B 1 7   MET 7   10  10  MET MET B . n 
B 1 8   ILE 8   11  11  ILE ILE B . n 
B 1 9   GLY 9   12  12  GLY GLY B . n 
B 1 10  SER 10  13  13  SER SER B . n 
B 1 11  GLY 11  14  14  GLY GLY B . n 
B 1 12  HIS 12  15  15  HIS HIS B . n 
B 1 13  LEU 13  16  16  LEU LEU B . n 
B 1 14  GLN 14  17  17  GLN GLN B . n 
B 1 15  SER 15  18  18  SER SER B . n 
B 1 16  LEU 16  19  19  LEU LEU B . n 
B 1 17  GLN 17  20  20  GLN GLN B . n 
B 1 18  ARG 18  21  21  ARG ARG B . n 
B 1 19  LEU 19  22  22  LEU LEU B . n 
B 1 20  ILE 20  23  23  ILE ILE B . n 
B 1 21  ASP 21  24  24  ASP ASP B . n 
B 1 22  SER 22  25  25  SER SER B . n 
B 1 23  GLN 23  26  26  GLN GLN B . n 
B 1 24  MET 24  27  27  MET MET B . n 
B 1 25  GLU 25  28  28  GLU GLU B . n 
B 1 26  THR 26  29  29  THR THR B . n 
B 1 27  SER 27  30  30  SER SER B . n 
B 1 28  CYS 28  31  31  CYS CYS B . n 
B 1 29  GLN 29  32  32  GLN GLN B . n 
B 1 30  ILE 30  33  33  ILE ILE B . n 
B 1 31  THR 31  34  34  THR THR B . n 
B 1 32  PHE 32  35  35  PHE PHE B . n 
B 1 33  GLU 33  36  36  GLU GLU B . n 
B 1 34  PHE 34  37  37  PHE PHE B . n 
B 1 35  VAL 35  38  38  VAL VAL B . n 
B 1 36  ASP 36  39  39  ASP ASP B . n 
B 1 37  GLN 37  40  40  GLN GLN B . n 
B 1 38  GLU 38  41  41  GLU GLU B . n 
B 1 39  GLN 39  42  42  GLN GLN B . n 
B 1 40  LEU 40  43  43  LEU LEU B . n 
B 1 41  LYS 41  44  44  LYS LYS B . n 
B 1 42  ASP 42  45  45  ASP ASP B . n 
B 1 43  PRO 43  46  46  PRO PRO B . n 
B 1 44  VAL 44  47  47  VAL VAL B . n 
B 1 45  CYS 45  48  48  CYS CYS B . n 
B 1 46  TYR 46  49  49  TYR TYR B . n 
B 1 47  LEU 47  50  50  LEU LEU B . n 
B 1 48  LYS 48  51  51  LYS LYS B . n 
B 1 49  LYS 49  52  52  LYS LYS B . n 
B 1 50  ALA 50  53  53  ALA ALA B . n 
B 1 51  PHE 51  54  54  PHE PHE B . n 
B 1 52  LEU 52  55  55  LEU LEU B . n 
B 1 53  LEU 53  56  56  LEU LEU B . n 
B 1 54  VAL 54  57  57  VAL VAL B . n 
B 1 55  GLN 55  58  58  GLN GLN B . n 
B 1 56  ASP 56  59  59  ASP ASP B . n 
B 1 57  ILE 57  60  60  ILE ILE B . n 
B 1 58  MET 58  61  61  MET MET B . n 
B 1 59  GLU 59  62  62  GLU GLU B . n 
B 1 60  ASP 60  63  63  ASP ASP B . n 
B 1 61  THR 61  64  64  THR THR B . n 
B 1 62  MET 62  65  65  MET MET B . n 
B 1 63  ARG 63  66  66  ARG ARG B . n 
B 1 64  PHE 64  67  67  PHE PHE B . n 
B 1 65  ARG 65  68  68  ARG ARG B . n 
B 1 66  ASP 66  69  69  ASP ASP B . n 
B 1 67  ASN 67  70  70  ASN ASN B . n 
B 1 68  THR 68  71  71  THR THR B . n 
B 1 69  PRO 69  72  72  PRO PRO B . n 
B 1 70  ASN 70  73  73  ASN ASN B . n 
B 1 71  ALA 71  74  74  ALA ALA B . n 
B 1 72  ILE 72  75  75  ILE ILE B . n 
B 1 73  ALA 73  76  76  ALA ALA B . n 
B 1 74  ILE 74  77  77  ILE ILE B . n 
B 1 75  VAL 75  78  78  VAL VAL B . n 
B 1 76  GLN 76  79  79  GLN GLN B . n 
B 1 77  LEU 77  80  80  LEU LEU B . n 
B 1 78  GLN 78  81  81  GLN GLN B . n 
B 1 79  GLU 79  82  82  GLU GLU B . n 
B 1 80  LEU 80  83  83  LEU LEU B . n 
B 1 81  SER 81  84  84  SER SER B . n 
B 1 82  LEU 82  85  85  LEU LEU B . n 
B 1 83  ARG 83  86  86  ARG ARG B . n 
B 1 84  LEU 84  87  87  LEU LEU B . n 
B 1 85  LYS 85  88  88  LYS LYS B . n 
B 1 86  SER 86  89  89  SER SER B . n 
B 1 87  CYS 87  90  90  CYS CYS B . n 
B 1 88  PHE 88  91  91  PHE PHE B . n 
B 1 89  THR 89  92  92  THR THR B . n 
B 1 90  LYS 90  93  93  LYS LYS B . n 
B 1 91  ASP 91  94  94  ASP ASP B . n 
B 1 92  TYR 92  95  95  TYR TYR B . n 
B 1 93  GLU 93  96  96  GLU GLU B . n 
B 1 94  GLU 94  97  97  GLU GLU B . n 
B 1 95  HIS 95  98  98  HIS HIS B . n 
B 1 96  ASP 96  99  99  ASP ASP B . n 
B 1 97  LYS 97  100 100 LYS LYS B . n 
B 1 98  ALA 98  101 101 ALA ALA B . n 
B 1 99  CYS 99  102 102 CYS CYS B . n 
B 1 100 VAL 100 103 103 VAL VAL B . n 
B 1 101 ARG 101 104 104 ARG ARG B . n 
B 1 102 THR 102 105 105 THR THR B . n 
B 1 103 PHE 103 106 106 PHE PHE B . n 
B 1 104 TYR 104 107 107 TYR TYR B . n 
B 1 105 GLU 105 108 108 GLU GLU B . n 
B 1 106 THR 106 109 109 THR THR B . n 
B 1 107 PRO 107 110 110 PRO PRO B . n 
B 1 108 LEU 108 111 111 LEU LEU B . n 
B 1 109 GLN 109 112 112 GLN GLN B . n 
B 1 110 LEU 110 113 113 LEU LEU B . n 
B 1 111 LEU 111 114 114 LEU LEU B . n 
B 1 112 GLU 112 115 115 GLU GLU B . n 
B 1 113 LYS 113 116 116 LYS LYS B . n 
B 1 114 VAL 114 117 117 VAL VAL B . n 
B 1 115 LYS 115 118 118 LYS LYS B . n 
B 1 116 ASN 116 119 119 ASN ASN B . n 
B 1 117 VAL 117 120 120 VAL VAL B . n 
B 1 118 PHE 118 121 121 PHE PHE B . n 
B 1 119 ASN 119 122 122 ASN ASN B . n 
B 1 120 GLU 120 123 123 GLU GLU B . n 
B 1 121 THR 121 124 124 THR THR B . n 
B 1 122 LYS 122 125 125 LYS LYS B . n 
B 1 123 ASN 123 126 126 ASN ASN B . n 
B 1 124 LEU 124 127 127 LEU LEU B . n 
B 1 125 LEU 125 128 128 LEU LEU B . n 
B 1 126 ASP 126 129 129 ASP ASP B . n 
B 1 127 LYS 127 130 130 LYS LYS B . n 
B 1 128 ASP 128 131 131 ASP ASP B . n 
B 1 129 TRP 129 132 132 TRP TRP B . n 
B 1 130 ASN 130 133 133 ASN ASN B . n 
B 1 131 ILE 131 134 134 ILE ILE B . n 
B 1 132 PHE 132 135 135 PHE PHE B . n 
B 1 133 SER 133 136 136 SER SER B . n 
B 1 134 LYS 134 137 137 LYS LYS B . n 
B 1 135 ASN 135 138 138 ASN ASN B . n 
B 1 136 CYS 136 139 139 CYS CYS B . n 
B 1 137 ASN 137 140 140 ASN ASN B . n 
B 1 138 ASN 138 141 141 ASN ASN B . n 
B 1 139 SER 139 142 142 SER SER B . n 
B 1 140 PHE 140 143 143 PHE PHE B . n 
B 1 141 ALA 141 144 144 ALA ALA B . n 
B 1 142 GLU 142 145 145 GLU GLU B . n 
B 1 143 CYS 143 146 146 CYS CYS B . n 
B 1 144 SER 144 147 ?   ?   ?   B . n 
B 1 145 SER 145 148 ?   ?   ?   B . n 
B 1 146 GLN 146 149 ?   ?   ?   B . n 
B 1 147 GLY 147 150 ?   ?   ?   B . n 
B 1 148 HIS 148 151 ?   ?   ?   B . n 
# 
loop_
_software.name 
_software.classification 
_software.version 
_software.citation_id 
_software.pdbx_ordinal 
X-PLOR 'model building' . ? 1 
X-PLOR refinement       . ? 2 
X-PLOR phasing          . ? 3 
# 
_cell.entry_id           1HMC 
_cell.length_a           33.370 
_cell.length_b           64.750 
_cell.length_c           157.870 
_cell.angle_alpha        90.00 
_cell.angle_beta         90.00 
_cell.angle_gamma        90.00 
_cell.Z_PDB              8 
_cell.pdbx_unique_axis   ? 
_cell.length_a_esd       ? 
_cell.length_b_esd       ? 
_cell.length_c_esd       ? 
_cell.angle_alpha_esd    ? 
_cell.angle_beta_esd     ? 
_cell.angle_gamma_esd    ? 
# 
_symmetry.entry_id                         1HMC 
_symmetry.space_group_name_H-M             'P 21 21 21' 
_symmetry.pdbx_full_space_group_name_H-M   ? 
_symmetry.cell_setting                     ? 
_symmetry.Int_Tables_number                19 
_symmetry.space_group_name_Hall            ? 
# 
_exptl.entry_id          1HMC 
_exptl.method            'X-RAY DIFFRACTION' 
_exptl.crystals_number   ? 
# 
_exptl_crystal.id                    1 
_exptl_crystal.density_meas          ? 
_exptl_crystal.density_Matthews      2.47 
_exptl_crystal.density_percent_sol   50.11 
_exptl_crystal.description           ? 
_exptl_crystal.F_000                 ? 
_exptl_crystal.preparation           ? 
# 
_diffrn.id                     1 
_diffrn.ambient_temp           ? 
_diffrn.ambient_temp_details   ? 
_diffrn.crystal_id             1 
# 
_diffrn_radiation.diffrn_id                        1 
_diffrn_radiation.wavelength_id                    1 
_diffrn_radiation.pdbx_monochromatic_or_laue_m_l   ? 
_diffrn_radiation.monochromator                    ? 
_diffrn_radiation.pdbx_diffrn_protocol             ? 
_diffrn_radiation.pdbx_scattering_type             x-ray 
# 
_diffrn_radiation_wavelength.id           1 
_diffrn_radiation_wavelength.wavelength   . 
_diffrn_radiation_wavelength.wt           1.0 
# 
_refine.entry_id                                 1HMC 
_refine.ls_number_reflns_obs                     ? 
_refine.ls_number_reflns_all                     ? 
_refine.pdbx_ls_sigma_I                          ? 
_refine.pdbx_ls_sigma_F                          2.0 
_refine.pdbx_data_cutoff_high_absF               ? 
_refine.pdbx_data_cutoff_low_absF                ? 
_refine.pdbx_data_cutoff_high_rms_absF           ? 
_refine.ls_d_res_low                             8.0 
_refine.ls_d_res_high                            2.5 
_refine.ls_percent_reflns_obs                    ? 
_refine.ls_R_factor_obs                          0.1970000 
_refine.ls_R_factor_all                          ? 
_refine.ls_R_factor_R_work                       0.1970000 
_refine.ls_R_factor_R_free                       ? 
_refine.ls_R_factor_R_free_error                 ? 
_refine.ls_R_factor_R_free_error_details         ? 
_refine.ls_percent_reflns_R_free                 ? 
_refine.ls_number_reflns_R_free                  ? 
_refine.ls_number_parameters                     ? 
_refine.ls_number_restraints                     ? 
_refine.occupancy_min                            ? 
_refine.occupancy_max                            ? 
_refine.B_iso_mean                               ? 
_refine.aniso_B[1][1]                            ? 
_refine.aniso_B[2][2]                            ? 
_refine.aniso_B[3][3]                            ? 
_refine.aniso_B[1][2]                            ? 
_refine.aniso_B[1][3]                            ? 
_refine.aniso_B[2][3]                            ? 
_refine.solvent_model_details                    ? 
_refine.solvent_model_param_ksol                 ? 
_refine.solvent_model_param_bsol                 ? 
_refine.pdbx_ls_cross_valid_method               ? 
_refine.details                                  
;THE SEQUENCE THAT WAS CRYSTALLIZED RAN FROM RESIDUE 4
THROUGH RESIDUE 158.  NEITHER OF THE TWO TERMINI COULD BE
LOCATED IN THE ELECTRON DENSITY MAPS.  THE TWO
CRYSTALLOGRAPHICALLY UNIQUE MONOMERS HAVE BEEN ASSIGNED
CHAIN INDICATORS *A* AND *B*.
;
_refine.pdbx_starting_model                      ? 
_refine.pdbx_method_to_determine_struct          ? 
_refine.pdbx_isotropic_thermal_model             ? 
_refine.pdbx_stereochemistry_target_values       ? 
_refine.pdbx_stereochem_target_val_spec_case     ? 
_refine.pdbx_R_Free_selection_details            ? 
_refine.pdbx_overall_ESU_R                       ? 
_refine.pdbx_overall_ESU_R_Free                  ? 
_refine.overall_SU_ML                            ? 
_refine.overall_SU_B                             ? 
_refine.pdbx_refine_id                           'X-RAY DIFFRACTION' 
_refine.ls_redundancy_reflns_obs                 ? 
_refine.pdbx_overall_phase_error                 ? 
_refine.B_iso_min                                ? 
_refine.B_iso_max                                ? 
_refine.correlation_coeff_Fo_to_Fc               ? 
_refine.correlation_coeff_Fo_to_Fc_free          ? 
_refine.pdbx_solvent_vdw_probe_radii             ? 
_refine.pdbx_solvent_ion_probe_radii             ? 
_refine.pdbx_solvent_shrinkage_radii             ? 
_refine.overall_SU_R_Cruickshank_DPI             ? 
_refine.overall_SU_R_free                        ? 
_refine.ls_wR_factor_R_free                      ? 
_refine.ls_wR_factor_R_work                      ? 
_refine.overall_FOM_free_R_set                   ? 
_refine.overall_FOM_work_R_set                   ? 
_refine.pdbx_diffrn_id                           1 
_refine.pdbx_TLS_residual_ADP_flag               ? 
_refine.pdbx_overall_SU_R_free_Cruickshank_DPI   ? 
_refine.pdbx_overall_SU_R_Blow_DPI               ? 
_refine.pdbx_overall_SU_R_free_Blow_DPI          ? 
# 
_refine_hist.pdbx_refine_id                   'X-RAY DIFFRACTION' 
_refine_hist.cycle_id                         LAST 
_refine_hist.pdbx_number_atoms_protein        291 
_refine_hist.pdbx_number_atoms_nucleic_acid   0 
_refine_hist.pdbx_number_atoms_ligand         0 
_refine_hist.number_atoms_solvent             0 
_refine_hist.number_atoms_total               291 
_refine_hist.d_res_high                       2.5 
_refine_hist.d_res_low                        8.0 
# 
loop_
_refine_ls_restr.type 
_refine_ls_restr.dev_ideal 
_refine_ls_restr.dev_ideal_target 
_refine_ls_restr.weight 
_refine_ls_restr.number 
_refine_ls_restr.pdbx_refine_id 
_refine_ls_restr.pdbx_restraint_function 
x_bond_d                0.019 ? ? ? 'X-RAY DIFFRACTION' ? 
x_bond_d_na             ?     ? ? ? 'X-RAY DIFFRACTION' ? 
x_bond_d_prot           ?     ? ? ? 'X-RAY DIFFRACTION' ? 
x_angle_d               ?     ? ? ? 'X-RAY DIFFRACTION' ? 
x_angle_d_na            ?     ? ? ? 'X-RAY DIFFRACTION' ? 
x_angle_d_prot          ?     ? ? ? 'X-RAY DIFFRACTION' ? 
x_angle_deg             3.7   ? ? ? 'X-RAY DIFFRACTION' ? 
x_angle_deg_na          ?     ? ? ? 'X-RAY DIFFRACTION' ? 
x_angle_deg_prot        ?     ? ? ? 'X-RAY DIFFRACTION' ? 
x_dihedral_angle_d      ?     ? ? ? 'X-RAY DIFFRACTION' ? 
x_dihedral_angle_d_na   ?     ? ? ? 'X-RAY DIFFRACTION' ? 
x_dihedral_angle_d_prot ?     ? ? ? 'X-RAY DIFFRACTION' ? 
x_improper_angle_d      ?     ? ? ? 'X-RAY DIFFRACTION' ? 
x_improper_angle_d_na   ?     ? ? ? 'X-RAY DIFFRACTION' ? 
x_improper_angle_d_prot ?     ? ? ? 'X-RAY DIFFRACTION' ? 
x_mcbond_it             ?     ? ? ? 'X-RAY DIFFRACTION' ? 
x_mcangle_it            ?     ? ? ? 'X-RAY DIFFRACTION' ? 
x_scbond_it             ?     ? ? ? 'X-RAY DIFFRACTION' ? 
x_scangle_it            ?     ? ? ? 'X-RAY DIFFRACTION' ? 
# 
_struct_ncs_oper.id             1 
_struct_ncs_oper.code           given 
_struct_ncs_oper.details        ? 
_struct_ncs_oper.matrix[1][1]   -0.99847685 
_struct_ncs_oper.matrix[1][2]   0.04651635 
_struct_ncs_oper.matrix[1][3]   0.02827523 
_struct_ncs_oper.matrix[2][1]   0.04043075 
_struct_ncs_oper.matrix[2][2]   0.28535330 
_struct_ncs_oper.matrix[2][3]   0.95756755 
_struct_ncs_oper.matrix[3][1]   0.03644548 
_struct_ncs_oper.matrix[3][2]   0.95729134 
_struct_ncs_oper.matrix[3][3]   -0.28680045 
_struct_ncs_oper.vector[1]      -0.63034 
_struct_ncs_oper.vector[2]      0.68185 
_struct_ncs_oper.vector[3]      -0.27385 
# 
_struct.entry_id                  1HMC 
_struct.title                     'THREE-DIMENSIONAL STRUCTURE OF DIMERIC HUMAN RECOMBINANT MACROPHAGE COLONY STIMULATING FACTOR' 
_struct.pdbx_model_details        ? 
_struct.pdbx_CASP_flag            ? 
_struct.pdbx_model_type_details   ? 
# 
_struct_keywords.entry_id        1HMC 
_struct_keywords.pdbx_keywords   'MACROPHAGE COLONY STIMULATING FACTOR' 
_struct_keywords.text            'MACROPHAGE COLONY STIMULATING FACTOR' 
# 
loop_
_struct_asym.id 
_struct_asym.pdbx_blank_PDB_chainid_flag 
_struct_asym.pdbx_modified 
_struct_asym.entity_id 
_struct_asym.details 
A N N 1 ? 
B N N 1 ? 
# 
_struct_ref.id                         1 
_struct_ref.db_name                    UNP 
_struct_ref.db_code                    CSF1_HUMAN 
_struct_ref.entity_id                  1 
_struct_ref.pdbx_db_accession          P09603 
_struct_ref.pdbx_align_begin           1 
_struct_ref.pdbx_seq_one_letter_code   
;MTAPGAAGRCPPTTWLGSLLLLVCLLASRSITEEVSEYCSHMIGSGHLQSLQRLIDSQMETSCQITFEFVDQEQLKDPVC
YLKKAFLLVQDIMEDTMRFRDNTPNAIAIVQLQELSLRLKSCFTKDYEEHDKACVRTFYETPLQLLEKVKNVFNETKNLL
DKDWNIFSKNCNNSFAECSSQDVVTKPDCNCLYPKAIPSSDPASVSPHQPLAPSMAPVAGLTWEDSEGTEGSSLLPGEQP
LHTVDPGSAKQRPPRSTCQSFEPPETPVVKDSTIGGSPQPRPSVGAFNPGMEDILDSAMGTNWVPEEASGEASEIPVPQG
TELSPSRPGGGSMQTEPARPSNFLSASSPLPASAKGQQPADVTGTALPRVGPVRPTGQDWNHTPQKTDHPSALLRDPPEP
GSPRISSLRPQGLSNPSTLSAQPQLSRSHSSGSVLPLGELEGRRSTRDRRSPAEPEGGPASEGAARPLPRFNSVPLTDTG
HERQSEGSSSPQLQESVFHLLVPSVILVLLAVGGLLFYRWRRRSHQEPQRADSPLEQPEGSPLTQDDRQVELPV
;
_struct_ref.pdbx_db_isoform            ? 
# 
loop_
_struct_ref_seq.align_id 
_struct_ref_seq.ref_id 
_struct_ref_seq.pdbx_PDB_id_code 
_struct_ref_seq.pdbx_strand_id 
_struct_ref_seq.seq_align_beg 
_struct_ref_seq.pdbx_seq_align_beg_ins_code 
_struct_ref_seq.seq_align_end 
_struct_ref_seq.pdbx_seq_align_end_ins_code 
_struct_ref_seq.pdbx_db_accession 
_struct_ref_seq.db_align_beg 
_struct_ref_seq.pdbx_db_align_beg_ins_code 
_struct_ref_seq.db_align_end 
_struct_ref_seq.pdbx_db_align_end_ins_code 
_struct_ref_seq.pdbx_auth_seq_align_beg 
_struct_ref_seq.pdbx_auth_seq_align_end 
1 1 1HMC A 1 ? 146 ? P09603 36 ? 181 ? 4 149 
2 1 1HMC B 1 ? 146 ? P09603 36 ? 181 ? 4 149 
# 
_pdbx_struct_assembly.id                   1 
_pdbx_struct_assembly.details              author_defined_assembly 
_pdbx_struct_assembly.method_details       ? 
_pdbx_struct_assembly.oligomeric_details   dimeric 
_pdbx_struct_assembly.oligomeric_count     2 
# 
_pdbx_struct_assembly_gen.assembly_id       1 
_pdbx_struct_assembly_gen.oper_expression   1 
_pdbx_struct_assembly_gen.asym_id_list      A,B 
# 
_pdbx_struct_oper_list.id                   1 
_pdbx_struct_oper_list.type                 'identity operation' 
_pdbx_struct_oper_list.name                 1_555 
_pdbx_struct_oper_list.symmetry_operation   x,y,z 
_pdbx_struct_oper_list.matrix[1][1]         1.0000000000 
_pdbx_struct_oper_list.matrix[1][2]         0.0000000000 
_pdbx_struct_oper_list.matrix[1][3]         0.0000000000 
_pdbx_struct_oper_list.vector[1]            0.0000000000 
_pdbx_struct_oper_list.matrix[2][1]         0.0000000000 
_pdbx_struct_oper_list.matrix[2][2]         1.0000000000 
_pdbx_struct_oper_list.matrix[2][3]         0.0000000000 
_pdbx_struct_oper_list.vector[2]            0.0000000000 
_pdbx_struct_oper_list.matrix[3][1]         0.0000000000 
_pdbx_struct_oper_list.matrix[3][2]         0.0000000000 
_pdbx_struct_oper_list.matrix[3][3]         1.0000000000 
_pdbx_struct_oper_list.vector[3]            0.0000000000 
# 
_struct_biol.id                    1 
_struct_biol.details               
;THE TRANSFORMATION PRESENTED ON *MTRIX* RECORDS BELOW WILL
YIELD APPROXIMATE COORDINATES FOR CHAIN A WHEN APPLIED TO
CHAIN B.
;
_struct_biol.pdbx_parent_biol_id   ? 
# 
loop_
_struct_conf.conf_type_id 
_struct_conf.id 
_struct_conf.pdbx_PDB_helix_id 
_struct_conf.beg_label_comp_id 
_struct_conf.beg_label_asym_id 
_struct_conf.beg_label_seq_id 
_struct_conf.pdbx_beg_PDB_ins_code 
_struct_conf.end_label_comp_id 
_struct_conf.end_label_asym_id 
_struct_conf.end_label_seq_id 
_struct_conf.pdbx_end_PDB_ins_code 
_struct_conf.beg_auth_comp_id 
_struct_conf.beg_auth_asym_id 
_struct_conf.beg_auth_seq_id 
_struct_conf.end_auth_comp_id 
_struct_conf.end_auth_asym_id 
_struct_conf.end_auth_seq_id 
_struct_conf.pdbx_PDB_helix_class 
_struct_conf.details 
_struct_conf.pdbx_PDB_helix_length 
HELX_P HELX_P1  AH1 TYR A 3   ? MET A 7   ? TYR A 6   MET A 10  1 ? 5  
HELX_P HELX_P2  AHA SER A 10  ? ASP A 21  ? SER A 13  ASP A 24  1 ? 12 
HELX_P HELX_P3  AHB PRO A 43  ? ASP A 60  ? PRO A 46  ASP A 63  1 ? 18 
HELX_P HELX_P4  AHC PRO A 69  ? LYS A 85  ? PRO A 72  LYS A 88  1 ? 17 
HELX_P HELX_P5  AHD PRO A 107 ? LYS A 127 ? PRO A 110 LYS A 130 1 ? 21 
HELX_P HELX_P6  AH2 ASN A 137 ? ALA A 141 ? ASN A 140 ALA A 144 1 ? 5  
HELX_P HELX_P7  BH1 GLU B 2   ? HIS B 6   ? GLU B 5   HIS B 9   1 ? 5  
HELX_P HELX_P8  BHA SER B 10  ? ILE B 20  ? SER B 13  ILE B 23  1 ? 11 
HELX_P HELX_P9  BHB PRO B 43  ? ASP B 60  ? PRO B 46  ASP B 63  1 ? 18 
HELX_P HELX_P10 BHC PRO B 69  ? LYS B 85  ? PRO B 72  LYS B 88  1 ? 17 
HELX_P HELX_P11 BHD PRO B 107 ? LEU B 124 ? PRO B 110 LEU B 127 1 ? 18 
# 
_struct_conf_type.id          HELX_P 
_struct_conf_type.criteria    ? 
_struct_conf_type.reference   ? 
# 
loop_
_struct_sheet.id 
_struct_sheet.type 
_struct_sheet.number_strands 
_struct_sheet.details 
AS1 ? 2 ? 
BS1 ? 2 ? 
# 
loop_
_struct_sheet_order.sheet_id 
_struct_sheet_order.range_id_1 
_struct_sheet_order.range_id_2 
_struct_sheet_order.offset 
_struct_sheet_order.sense 
AS1 1 2 ? anti-parallel 
BS1 1 2 ? anti-parallel 
# 
loop_
_struct_sheet_range.sheet_id 
_struct_sheet_range.id 
_struct_sheet_range.beg_label_comp_id 
_struct_sheet_range.beg_label_asym_id 
_struct_sheet_range.beg_label_seq_id 
_struct_sheet_range.pdbx_beg_PDB_ins_code 
_struct_sheet_range.end_label_comp_id 
_struct_sheet_range.end_label_asym_id 
_struct_sheet_range.end_label_seq_id 
_struct_sheet_range.pdbx_end_PDB_ins_code 
_struct_sheet_range.beg_auth_comp_id 
_struct_sheet_range.beg_auth_asym_id 
_struct_sheet_range.beg_auth_seq_id 
_struct_sheet_range.end_auth_comp_id 
_struct_sheet_range.end_auth_asym_id 
_struct_sheet_range.end_auth_seq_id 
AS1 1 ILE A 30  ? VAL A 35  ? ILE A 33  VAL A 38  
AS1 2 VAL A 100 ? GLU A 105 ? VAL A 103 GLU A 108 
BS1 1 ILE B 30  ? VAL B 35  ? ILE B 33  VAL B 38  
BS1 2 VAL B 100 ? GLU B 105 ? VAL B 103 GLU B 108 
# 
_pdbx_entry_details.entry_id                 1HMC 
_pdbx_entry_details.compound_details         ? 
_pdbx_entry_details.source_details           ? 
_pdbx_entry_details.nonpolymer_details       ? 
_pdbx_entry_details.sequence_details         
;SEQUENCE ADVISORY NOTICE:
     DIFFERENCE BETWEEN SWISS-PROT AND PDB SEQUENCE.

     SWISS-PROT ENTRY NAME: :CSF1_HUMAN

     SWISS-PROT RESIDUE      PDB ATOM RECORDS
       NAME   NUMBER         NAME  CHAIN  SEQ/INSERT CODE
       ASP    183            GLY     A    150
       VAL    184            HIS     A    151
;
_pdbx_entry_details.has_ligand_of_interest   ? 
# 
loop_
_pdbx_unobs_or_zero_occ_residues.id 
_pdbx_unobs_or_zero_occ_residues.PDB_model_num 
_pdbx_unobs_or_zero_occ_residues.polymer_flag 
_pdbx_unobs_or_zero_occ_residues.occupancy_flag 
_pdbx_unobs_or_zero_occ_residues.auth_asym_id 
_pdbx_unobs_or_zero_occ_residues.auth_comp_id 
_pdbx_unobs_or_zero_occ_residues.auth_seq_id 
_pdbx_unobs_or_zero_occ_residues.PDB_ins_code 
_pdbx_unobs_or_zero_occ_residues.label_asym_id 
_pdbx_unobs_or_zero_occ_residues.label_comp_id 
_pdbx_unobs_or_zero_occ_residues.label_seq_id 
1 1 Y 1 B SER 147 ? B SER 144 
2 1 Y 1 B SER 148 ? B SER 145 
3 1 Y 1 B GLN 149 ? B GLN 146 
4 1 Y 1 B GLY 150 ? B GLY 147 
5 1 Y 1 B HIS 151 ? B HIS 148 
# 
loop_
_chem_comp_atom.comp_id 
_chem_comp_atom.atom_id 
_chem_comp_atom.type_symbol 
_chem_comp_atom.pdbx_aromatic_flag 
_chem_comp_atom.pdbx_stereo_config 
_chem_comp_atom.pdbx_ordinal 
ALA N    N N N 1   
ALA CA   C N S 2   
ALA C    C N N 3   
ALA O    O N N 4   
ALA CB   C N N 5   
ALA OXT  O N N 6   
ALA H    H N N 7   
ALA H2   H N N 8   
ALA HA   H N N 9   
ALA HB1  H N N 10  
ALA HB2  H N N 11  
ALA HB3  H N N 12  
ALA HXT  H N N 13  
ARG N    N N N 14  
ARG CA   C N S 15  
ARG C    C N N 16  
ARG O    O N N 17  
ARG CB   C N N 18  
ARG CG   C N N 19  
ARG CD   C N N 20  
ARG NE   N N N 21  
ARG CZ   C N N 22  
ARG NH1  N N N 23  
ARG NH2  N N N 24  
ARG OXT  O N N 25  
ARG H    H N N 26  
ARG H2   H N N 27  
ARG HA   H N N 28  
ARG HB2  H N N 29  
ARG HB3  H N N 30  
ARG HG2  H N N 31  
ARG HG3  H N N 32  
ARG HD2  H N N 33  
ARG HD3  H N N 34  
ARG HE   H N N 35  
ARG HH11 H N N 36  
ARG HH12 H N N 37  
ARG HH21 H N N 38  
ARG HH22 H N N 39  
ARG HXT  H N N 40  
ASN N    N N N 41  
ASN CA   C N S 42  
ASN C    C N N 43  
ASN O    O N N 44  
ASN CB   C N N 45  
ASN CG   C N N 46  
ASN OD1  O N N 47  
ASN ND2  N N N 48  
ASN OXT  O N N 49  
ASN H    H N N 50  
ASN H2   H N N 51  
ASN HA   H N N 52  
ASN HB2  H N N 53  
ASN HB3  H N N 54  
ASN HD21 H N N 55  
ASN HD22 H N N 56  
ASN HXT  H N N 57  
ASP N    N N N 58  
ASP CA   C N S 59  
ASP C    C N N 60  
ASP O    O N N 61  
ASP CB   C N N 62  
ASP CG   C N N 63  
ASP OD1  O N N 64  
ASP OD2  O N N 65  
ASP OXT  O N N 66  
ASP H    H N N 67  
ASP H2   H N N 68  
ASP HA   H N N 69  
ASP HB2  H N N 70  
ASP HB3  H N N 71  
ASP HD2  H N N 72  
ASP HXT  H N N 73  
CYS N    N N N 74  
CYS CA   C N R 75  
CYS C    C N N 76  
CYS O    O N N 77  
CYS CB   C N N 78  
CYS SG   S N N 79  
CYS OXT  O N N 80  
CYS H    H N N 81  
CYS H2   H N N 82  
CYS HA   H N N 83  
CYS HB2  H N N 84  
CYS HB3  H N N 85  
CYS HG   H N N 86  
CYS HXT  H N N 87  
GLN N    N N N 88  
GLN CA   C N S 89  
GLN C    C N N 90  
GLN O    O N N 91  
GLN CB   C N N 92  
GLN CG   C N N 93  
GLN CD   C N N 94  
GLN OE1  O N N 95  
GLN NE2  N N N 96  
GLN OXT  O N N 97  
GLN H    H N N 98  
GLN H2   H N N 99  
GLN HA   H N N 100 
GLN HB2  H N N 101 
GLN HB3  H N N 102 
GLN HG2  H N N 103 
GLN HG3  H N N 104 
GLN HE21 H N N 105 
GLN HE22 H N N 106 
GLN HXT  H N N 107 
GLU N    N N N 108 
GLU CA   C N S 109 
GLU C    C N N 110 
GLU O    O N N 111 
GLU CB   C N N 112 
GLU CG   C N N 113 
GLU CD   C N N 114 
GLU OE1  O N N 115 
GLU OE2  O N N 116 
GLU OXT  O N N 117 
GLU H    H N N 118 
GLU H2   H N N 119 
GLU HA   H N N 120 
GLU HB2  H N N 121 
GLU HB3  H N N 122 
GLU HG2  H N N 123 
GLU HG3  H N N 124 
GLU HE2  H N N 125 
GLU HXT  H N N 126 
GLY N    N N N 127 
GLY CA   C N N 128 
GLY C    C N N 129 
GLY O    O N N 130 
GLY OXT  O N N 131 
GLY H    H N N 132 
GLY H2   H N N 133 
GLY HA2  H N N 134 
GLY HA3  H N N 135 
GLY HXT  H N N 136 
HIS N    N N N 137 
HIS CA   C N S 138 
HIS C    C N N 139 
HIS O    O N N 140 
HIS CB   C N N 141 
HIS CG   C Y N 142 
HIS ND1  N Y N 143 
HIS CD2  C Y N 144 
HIS CE1  C Y N 145 
HIS NE2  N Y N 146 
HIS OXT  O N N 147 
HIS H    H N N 148 
HIS H2   H N N 149 
HIS HA   H N N 150 
HIS HB2  H N N 151 
HIS HB3  H N N 152 
HIS HD1  H N N 153 
HIS HD2  H N N 154 
HIS HE1  H N N 155 
HIS HE2  H N N 156 
HIS HXT  H N N 157 
ILE N    N N N 158 
ILE CA   C N S 159 
ILE C    C N N 160 
ILE O    O N N 161 
ILE CB   C N S 162 
ILE CG1  C N N 163 
ILE CG2  C N N 164 
ILE CD1  C N N 165 
ILE OXT  O N N 166 
ILE H    H N N 167 
ILE H2   H N N 168 
ILE HA   H N N 169 
ILE HB   H N N 170 
ILE HG12 H N N 171 
ILE HG13 H N N 172 
ILE HG21 H N N 173 
ILE HG22 H N N 174 
ILE HG23 H N N 175 
ILE HD11 H N N 176 
ILE HD12 H N N 177 
ILE HD13 H N N 178 
ILE HXT  H N N 179 
LEU N    N N N 180 
LEU CA   C N S 181 
LEU C    C N N 182 
LEU O    O N N 183 
LEU CB   C N N 184 
LEU CG   C N N 185 
LEU CD1  C N N 186 
LEU CD2  C N N 187 
LEU OXT  O N N 188 
LEU H    H N N 189 
LEU H2   H N N 190 
LEU HA   H N N 191 
LEU HB2  H N N 192 
LEU HB3  H N N 193 
LEU HG   H N N 194 
LEU HD11 H N N 195 
LEU HD12 H N N 196 
LEU HD13 H N N 197 
LEU HD21 H N N 198 
LEU HD22 H N N 199 
LEU HD23 H N N 200 
LEU HXT  H N N 201 
LYS N    N N N 202 
LYS CA   C N S 203 
LYS C    C N N 204 
LYS O    O N N 205 
LYS CB   C N N 206 
LYS CG   C N N 207 
LYS CD   C N N 208 
LYS CE   C N N 209 
LYS NZ   N N N 210 
LYS OXT  O N N 211 
LYS H    H N N 212 
LYS H2   H N N 213 
LYS HA   H N N 214 
LYS HB2  H N N 215 
LYS HB3  H N N 216 
LYS HG2  H N N 217 
LYS HG3  H N N 218 
LYS HD2  H N N 219 
LYS HD3  H N N 220 
LYS HE2  H N N 221 
LYS HE3  H N N 222 
LYS HZ1  H N N 223 
LYS HZ2  H N N 224 
LYS HZ3  H N N 225 
LYS HXT  H N N 226 
MET N    N N N 227 
MET CA   C N S 228 
MET C    C N N 229 
MET O    O N N 230 
MET CB   C N N 231 
MET CG   C N N 232 
MET SD   S N N 233 
MET CE   C N N 234 
MET OXT  O N N 235 
MET H    H N N 236 
MET H2   H N N 237 
MET HA   H N N 238 
MET HB2  H N N 239 
MET HB3  H N N 240 
MET HG2  H N N 241 
MET HG3  H N N 242 
MET HE1  H N N 243 
MET HE2  H N N 244 
MET HE3  H N N 245 
MET HXT  H N N 246 
PHE N    N N N 247 
PHE CA   C N S 248 
PHE C    C N N 249 
PHE O    O N N 250 
PHE CB   C N N 251 
PHE CG   C Y N 252 
PHE CD1  C Y N 253 
PHE CD2  C Y N 254 
PHE CE1  C Y N 255 
PHE CE2  C Y N 256 
PHE CZ   C Y N 257 
PHE OXT  O N N 258 
PHE H    H N N 259 
PHE H2   H N N 260 
PHE HA   H N N 261 
PHE HB2  H N N 262 
PHE HB3  H N N 263 
PHE HD1  H N N 264 
PHE HD2  H N N 265 
PHE HE1  H N N 266 
PHE HE2  H N N 267 
PHE HZ   H N N 268 
PHE HXT  H N N 269 
PRO N    N N N 270 
PRO CA   C N S 271 
PRO C    C N N 272 
PRO O    O N N 273 
PRO CB   C N N 274 
PRO CG   C N N 275 
PRO CD   C N N 276 
PRO OXT  O N N 277 
PRO H    H N N 278 
PRO HA   H N N 279 
PRO HB2  H N N 280 
PRO HB3  H N N 281 
PRO HG2  H N N 282 
PRO HG3  H N N 283 
PRO HD2  H N N 284 
PRO HD3  H N N 285 
PRO HXT  H N N 286 
SER N    N N N 287 
SER CA   C N S 288 
SER C    C N N 289 
SER O    O N N 290 
SER CB   C N N 291 
SER OG   O N N 292 
SER OXT  O N N 293 
SER H    H N N 294 
SER H2   H N N 295 
SER HA   H N N 296 
SER HB2  H N N 297 
SER HB3  H N N 298 
SER HG   H N N 299 
SER HXT  H N N 300 
THR N    N N N 301 
THR CA   C N S 302 
THR C    C N N 303 
THR O    O N N 304 
THR CB   C N R 305 
THR OG1  O N N 306 
THR CG2  C N N 307 
THR OXT  O N N 308 
THR H    H N N 309 
THR H2   H N N 310 
THR HA   H N N 311 
THR HB   H N N 312 
THR HG1  H N N 313 
THR HG21 H N N 314 
THR HG22 H N N 315 
THR HG23 H N N 316 
THR HXT  H N N 317 
TRP N    N N N 318 
TRP CA   C N S 319 
TRP C    C N N 320 
TRP O    O N N 321 
TRP CB   C N N 322 
TRP CG   C Y N 323 
TRP CD1  C Y N 324 
TRP CD2  C Y N 325 
TRP NE1  N Y N 326 
TRP CE2  C Y N 327 
TRP CE3  C Y N 328 
TRP CZ2  C Y N 329 
TRP CZ3  C Y N 330 
TRP CH2  C Y N 331 
TRP OXT  O N N 332 
TRP H    H N N 333 
TRP H2   H N N 334 
TRP HA   H N N 335 
TRP HB2  H N N 336 
TRP HB3  H N N 337 
TRP HD1  H N N 338 
TRP HE1  H N N 339 
TRP HE3  H N N 340 
TRP HZ2  H N N 341 
TRP HZ3  H N N 342 
TRP HH2  H N N 343 
TRP HXT  H N N 344 
TYR N    N N N 345 
TYR CA   C N S 346 
TYR C    C N N 347 
TYR O    O N N 348 
TYR CB   C N N 349 
TYR CG   C Y N 350 
TYR CD1  C Y N 351 
TYR CD2  C Y N 352 
TYR CE1  C Y N 353 
TYR CE2  C Y N 354 
TYR CZ   C Y N 355 
TYR OH   O N N 356 
TYR OXT  O N N 357 
TYR H    H N N 358 
TYR H2   H N N 359 
TYR HA   H N N 360 
TYR HB2  H N N 361 
TYR HB3  H N N 362 
TYR HD1  H N N 363 
TYR HD2  H N N 364 
TYR HE1  H N N 365 
TYR HE2  H N N 366 
TYR HH   H N N 367 
TYR HXT  H N N 368 
VAL N    N N N 369 
VAL CA   C N S 370 
VAL C    C N N 371 
VAL O    O N N 372 
VAL CB   C N N 373 
VAL CG1  C N N 374 
VAL CG2  C N N 375 
VAL OXT  O N N 376 
VAL H    H N N 377 
VAL H2   H N N 378 
VAL HA   H N N 379 
VAL HB   H N N 380 
VAL HG11 H N N 381 
VAL HG12 H N N 382 
VAL HG13 H N N 383 
VAL HG21 H N N 384 
VAL HG22 H N N 385 
VAL HG23 H N N 386 
VAL HXT  H N N 387 
# 
loop_
_chem_comp_bond.comp_id 
_chem_comp_bond.atom_id_1 
_chem_comp_bond.atom_id_2 
_chem_comp_bond.value_order 
_chem_comp_bond.pdbx_aromatic_flag 
_chem_comp_bond.pdbx_stereo_config 
_chem_comp_bond.pdbx_ordinal 
ALA N   CA   sing N N 1   
ALA N   H    sing N N 2   
ALA N   H2   sing N N 3   
ALA CA  C    sing N N 4   
ALA CA  CB   sing N N 5   
ALA CA  HA   sing N N 6   
ALA C   O    doub N N 7   
ALA C   OXT  sing N N 8   
ALA CB  HB1  sing N N 9   
ALA CB  HB2  sing N N 10  
ALA CB  HB3  sing N N 11  
ALA OXT HXT  sing N N 12  
ARG N   CA   sing N N 13  
ARG N   H    sing N N 14  
ARG N   H2   sing N N 15  
ARG CA  C    sing N N 16  
ARG CA  CB   sing N N 17  
ARG CA  HA   sing N N 18  
ARG C   O    doub N N 19  
ARG C   OXT  sing N N 20  
ARG CB  CG   sing N N 21  
ARG CB  HB2  sing N N 22  
ARG CB  HB3  sing N N 23  
ARG CG  CD   sing N N 24  
ARG CG  HG2  sing N N 25  
ARG CG  HG3  sing N N 26  
ARG CD  NE   sing N N 27  
ARG CD  HD2  sing N N 28  
ARG CD  HD3  sing N N 29  
ARG NE  CZ   sing N N 30  
ARG NE  HE   sing N N 31  
ARG CZ  NH1  sing N N 32  
ARG CZ  NH2  doub N N 33  
ARG NH1 HH11 sing N N 34  
ARG NH1 HH12 sing N N 35  
ARG NH2 HH21 sing N N 36  
ARG NH2 HH22 sing N N 37  
ARG OXT HXT  sing N N 38  
ASN N   CA   sing N N 39  
ASN N   H    sing N N 40  
ASN N   H2   sing N N 41  
ASN CA  C    sing N N 42  
ASN CA  CB   sing N N 43  
ASN CA  HA   sing N N 44  
ASN C   O    doub N N 45  
ASN C   OXT  sing N N 46  
ASN CB  CG   sing N N 47  
ASN CB  HB2  sing N N 48  
ASN CB  HB3  sing N N 49  
ASN CG  OD1  doub N N 50  
ASN CG  ND2  sing N N 51  
ASN ND2 HD21 sing N N 52  
ASN ND2 HD22 sing N N 53  
ASN OXT HXT  sing N N 54  
ASP N   CA   sing N N 55  
ASP N   H    sing N N 56  
ASP N   H2   sing N N 57  
ASP CA  C    sing N N 58  
ASP CA  CB   sing N N 59  
ASP CA  HA   sing N N 60  
ASP C   O    doub N N 61  
ASP C   OXT  sing N N 62  
ASP CB  CG   sing N N 63  
ASP CB  HB2  sing N N 64  
ASP CB  HB3  sing N N 65  
ASP CG  OD1  doub N N 66  
ASP CG  OD2  sing N N 67  
ASP OD2 HD2  sing N N 68  
ASP OXT HXT  sing N N 69  
CYS N   CA   sing N N 70  
CYS N   H    sing N N 71  
CYS N   H2   sing N N 72  
CYS CA  C    sing N N 73  
CYS CA  CB   sing N N 74  
CYS CA  HA   sing N N 75  
CYS C   O    doub N N 76  
CYS C   OXT  sing N N 77  
CYS CB  SG   sing N N 78  
CYS CB  HB2  sing N N 79  
CYS CB  HB3  sing N N 80  
CYS SG  HG   sing N N 81  
CYS OXT HXT  sing N N 82  
GLN N   CA   sing N N 83  
GLN N   H    sing N N 84  
GLN N   H2   sing N N 85  
GLN CA  C    sing N N 86  
GLN CA  CB   sing N N 87  
GLN CA  HA   sing N N 88  
GLN C   O    doub N N 89  
GLN C   OXT  sing N N 90  
GLN CB  CG   sing N N 91  
GLN CB  HB2  sing N N 92  
GLN CB  HB3  sing N N 93  
GLN CG  CD   sing N N 94  
GLN CG  HG2  sing N N 95  
GLN CG  HG3  sing N N 96  
GLN CD  OE1  doub N N 97  
GLN CD  NE2  sing N N 98  
GLN NE2 HE21 sing N N 99  
GLN NE2 HE22 sing N N 100 
GLN OXT HXT  sing N N 101 
GLU N   CA   sing N N 102 
GLU N   H    sing N N 103 
GLU N   H2   sing N N 104 
GLU CA  C    sing N N 105 
GLU CA  CB   sing N N 106 
GLU CA  HA   sing N N 107 
GLU C   O    doub N N 108 
GLU C   OXT  sing N N 109 
GLU CB  CG   sing N N 110 
GLU CB  HB2  sing N N 111 
GLU CB  HB3  sing N N 112 
GLU CG  CD   sing N N 113 
GLU CG  HG2  sing N N 114 
GLU CG  HG3  sing N N 115 
GLU CD  OE1  doub N N 116 
GLU CD  OE2  sing N N 117 
GLU OE2 HE2  sing N N 118 
GLU OXT HXT  sing N N 119 
GLY N   CA   sing N N 120 
GLY N   H    sing N N 121 
GLY N   H2   sing N N 122 
GLY CA  C    sing N N 123 
GLY CA  HA2  sing N N 124 
GLY CA  HA3  sing N N 125 
GLY C   O    doub N N 126 
GLY C   OXT  sing N N 127 
GLY OXT HXT  sing N N 128 
HIS N   CA   sing N N 129 
HIS N   H    sing N N 130 
HIS N   H2   sing N N 131 
HIS CA  C    sing N N 132 
HIS CA  CB   sing N N 133 
HIS CA  HA   sing N N 134 
HIS C   O    doub N N 135 
HIS C   OXT  sing N N 136 
HIS CB  CG   sing N N 137 
HIS CB  HB2  sing N N 138 
HIS CB  HB3  sing N N 139 
HIS CG  ND1  sing Y N 140 
HIS CG  CD2  doub Y N 141 
HIS ND1 CE1  doub Y N 142 
HIS ND1 HD1  sing N N 143 
HIS CD2 NE2  sing Y N 144 
HIS CD2 HD2  sing N N 145 
HIS CE1 NE2  sing Y N 146 
HIS CE1 HE1  sing N N 147 
HIS NE2 HE2  sing N N 148 
HIS OXT HXT  sing N N 149 
ILE N   CA   sing N N 150 
ILE N   H    sing N N 151 
ILE N   H2   sing N N 152 
ILE CA  C    sing N N 153 
ILE CA  CB   sing N N 154 
ILE CA  HA   sing N N 155 
ILE C   O    doub N N 156 
ILE C   OXT  sing N N 157 
ILE CB  CG1  sing N N 158 
ILE CB  CG2  sing N N 159 
ILE CB  HB   sing N N 160 
ILE CG1 CD1  sing N N 161 
ILE CG1 HG12 sing N N 162 
ILE CG1 HG13 sing N N 163 
ILE CG2 HG21 sing N N 164 
ILE CG2 HG22 sing N N 165 
ILE CG2 HG23 sing N N 166 
ILE CD1 HD11 sing N N 167 
ILE CD1 HD12 sing N N 168 
ILE CD1 HD13 sing N N 169 
ILE OXT HXT  sing N N 170 
LEU N   CA   sing N N 171 
LEU N   H    sing N N 172 
LEU N   H2   sing N N 173 
LEU CA  C    sing N N 174 
LEU CA  CB   sing N N 175 
LEU CA  HA   sing N N 176 
LEU C   O    doub N N 177 
LEU C   OXT  sing N N 178 
LEU CB  CG   sing N N 179 
LEU CB  HB2  sing N N 180 
LEU CB  HB3  sing N N 181 
LEU CG  CD1  sing N N 182 
LEU CG  CD2  sing N N 183 
LEU CG  HG   sing N N 184 
LEU CD1 HD11 sing N N 185 
LEU CD1 HD12 sing N N 186 
LEU CD1 HD13 sing N N 187 
LEU CD2 HD21 sing N N 188 
LEU CD2 HD22 sing N N 189 
LEU CD2 HD23 sing N N 190 
LEU OXT HXT  sing N N 191 
LYS N   CA   sing N N 192 
LYS N   H    sing N N 193 
LYS N   H2   sing N N 194 
LYS CA  C    sing N N 195 
LYS CA  CB   sing N N 196 
LYS CA  HA   sing N N 197 
LYS C   O    doub N N 198 
LYS C   OXT  sing N N 199 
LYS CB  CG   sing N N 200 
LYS CB  HB2  sing N N 201 
LYS CB  HB3  sing N N 202 
LYS CG  CD   sing N N 203 
LYS CG  HG2  sing N N 204 
LYS CG  HG3  sing N N 205 
LYS CD  CE   sing N N 206 
LYS CD  HD2  sing N N 207 
LYS CD  HD3  sing N N 208 
LYS CE  NZ   sing N N 209 
LYS CE  HE2  sing N N 210 
LYS CE  HE3  sing N N 211 
LYS NZ  HZ1  sing N N 212 
LYS NZ  HZ2  sing N N 213 
LYS NZ  HZ3  sing N N 214 
LYS OXT HXT  sing N N 215 
MET N   CA   sing N N 216 
MET N   H    sing N N 217 
MET N   H2   sing N N 218 
MET CA  C    sing N N 219 
MET CA  CB   sing N N 220 
MET CA  HA   sing N N 221 
MET C   O    doub N N 222 
MET C   OXT  sing N N 223 
MET CB  CG   sing N N 224 
MET CB  HB2  sing N N 225 
MET CB  HB3  sing N N 226 
MET CG  SD   sing N N 227 
MET CG  HG2  sing N N 228 
MET CG  HG3  sing N N 229 
MET SD  CE   sing N N 230 
MET CE  HE1  sing N N 231 
MET CE  HE2  sing N N 232 
MET CE  HE3  sing N N 233 
MET OXT HXT  sing N N 234 
PHE N   CA   sing N N 235 
PHE N   H    sing N N 236 
PHE N   H2   sing N N 237 
PHE CA  C    sing N N 238 
PHE CA  CB   sing N N 239 
PHE CA  HA   sing N N 240 
PHE C   O    doub N N 241 
PHE C   OXT  sing N N 242 
PHE CB  CG   sing N N 243 
PHE CB  HB2  sing N N 244 
PHE CB  HB3  sing N N 245 
PHE CG  CD1  doub Y N 246 
PHE CG  CD2  sing Y N 247 
PHE CD1 CE1  sing Y N 248 
PHE CD1 HD1  sing N N 249 
PHE CD2 CE2  doub Y N 250 
PHE CD2 HD2  sing N N 251 
PHE CE1 CZ   doub Y N 252 
PHE CE1 HE1  sing N N 253 
PHE CE2 CZ   sing Y N 254 
PHE CE2 HE2  sing N N 255 
PHE CZ  HZ   sing N N 256 
PHE OXT HXT  sing N N 257 
PRO N   CA   sing N N 258 
PRO N   CD   sing N N 259 
PRO N   H    sing N N 260 
PRO CA  C    sing N N 261 
PRO CA  CB   sing N N 262 
PRO CA  HA   sing N N 263 
PRO C   O    doub N N 264 
PRO C   OXT  sing N N 265 
PRO CB  CG   sing N N 266 
PRO CB  HB2  sing N N 267 
PRO CB  HB3  sing N N 268 
PRO CG  CD   sing N N 269 
PRO CG  HG2  sing N N 270 
PRO CG  HG3  sing N N 271 
PRO CD  HD2  sing N N 272 
PRO CD  HD3  sing N N 273 
PRO OXT HXT  sing N N 274 
SER N   CA   sing N N 275 
SER N   H    sing N N 276 
SER N   H2   sing N N 277 
SER CA  C    sing N N 278 
SER CA  CB   sing N N 279 
SER CA  HA   sing N N 280 
SER C   O    doub N N 281 
SER C   OXT  sing N N 282 
SER CB  OG   sing N N 283 
SER CB  HB2  sing N N 284 
SER CB  HB3  sing N N 285 
SER OG  HG   sing N N 286 
SER OXT HXT  sing N N 287 
THR N   CA   sing N N 288 
THR N   H    sing N N 289 
THR N   H2   sing N N 290 
THR CA  C    sing N N 291 
THR CA  CB   sing N N 292 
THR CA  HA   sing N N 293 
THR C   O    doub N N 294 
THR C   OXT  sing N N 295 
THR CB  OG1  sing N N 296 
THR CB  CG2  sing N N 297 
THR CB  HB   sing N N 298 
THR OG1 HG1  sing N N 299 
THR CG2 HG21 sing N N 300 
THR CG2 HG22 sing N N 301 
THR CG2 HG23 sing N N 302 
THR OXT HXT  sing N N 303 
TRP N   CA   sing N N 304 
TRP N   H    sing N N 305 
TRP N   H2   sing N N 306 
TRP CA  C    sing N N 307 
TRP CA  CB   sing N N 308 
TRP CA  HA   sing N N 309 
TRP C   O    doub N N 310 
TRP C   OXT  sing N N 311 
TRP CB  CG   sing N N 312 
TRP CB  HB2  sing N N 313 
TRP CB  HB3  sing N N 314 
TRP CG  CD1  doub Y N 315 
TRP CG  CD2  sing Y N 316 
TRP CD1 NE1  sing Y N 317 
TRP CD1 HD1  sing N N 318 
TRP CD2 CE2  doub Y N 319 
TRP CD2 CE3  sing Y N 320 
TRP NE1 CE2  sing Y N 321 
TRP NE1 HE1  sing N N 322 
TRP CE2 CZ2  sing Y N 323 
TRP CE3 CZ3  doub Y N 324 
TRP CE3 HE3  sing N N 325 
TRP CZ2 CH2  doub Y N 326 
TRP CZ2 HZ2  sing N N 327 
TRP CZ3 CH2  sing Y N 328 
TRP CZ3 HZ3  sing N N 329 
TRP CH2 HH2  sing N N 330 
TRP OXT HXT  sing N N 331 
TYR N   CA   sing N N 332 
TYR N   H    sing N N 333 
TYR N   H2   sing N N 334 
TYR CA  C    sing N N 335 
TYR CA  CB   sing N N 336 
TYR CA  HA   sing N N 337 
TYR C   O    doub N N 338 
TYR C   OXT  sing N N 339 
TYR CB  CG   sing N N 340 
TYR CB  HB2  sing N N 341 
TYR CB  HB3  sing N N 342 
TYR CG  CD1  doub Y N 343 
TYR CG  CD2  sing Y N 344 
TYR CD1 CE1  sing Y N 345 
TYR CD1 HD1  sing N N 346 
TYR CD2 CE2  doub Y N 347 
TYR CD2 HD2  sing N N 348 
TYR CE1 CZ   doub Y N 349 
TYR CE1 HE1  sing N N 350 
TYR CE2 CZ   sing Y N 351 
TYR CE2 HE2  sing N N 352 
TYR CZ  OH   sing N N 353 
TYR OH  HH   sing N N 354 
TYR OXT HXT  sing N N 355 
VAL N   CA   sing N N 356 
VAL N   H    sing N N 357 
VAL N   H2   sing N N 358 
VAL CA  C    sing N N 359 
VAL CA  CB   sing N N 360 
VAL CA  HA   sing N N 361 
VAL C   O    doub N N 362 
VAL C   OXT  sing N N 363 
VAL CB  CG1  sing N N 364 
VAL CB  CG2  sing N N 365 
VAL CB  HB   sing N N 366 
VAL CG1 HG11 sing N N 367 
VAL CG1 HG12 sing N N 368 
VAL CG1 HG13 sing N N 369 
VAL CG2 HG21 sing N N 370 
VAL CG2 HG22 sing N N 371 
VAL CG2 HG23 sing N N 372 
VAL OXT HXT  sing N N 373 
# 
loop_
_pdbx_coordinate_model.asym_id 
_pdbx_coordinate_model.type 
A 'CA ATOMS ONLY' 
B 'CA ATOMS ONLY' 
# 
_atom_sites.entry_id                    1HMC 
_atom_sites.fract_transf_matrix[1][1]   0.02685003 
_atom_sites.fract_transf_matrix[1][2]   0.00169126 
_atom_sites.fract_transf_matrix[1][3]   -0.01319987 
_atom_sites.fract_transf_matrix[2][1]   0.00252067 
_atom_sites.fract_transf_matrix[2][2]   0.01360029 
_atom_sites.fract_transf_matrix[2][3]   0.00686990 
_atom_sites.fract_transf_matrix[3][1]   0.00261594 
_atom_sites.fract_transf_matrix[3][2]   -0.00297984 
_atom_sites.fract_transf_matrix[3][3]   0.00493933 
_atom_sites.fract_transf_vector[1]      1.524387 
_atom_sites.fract_transf_vector[2]      1.417375 
_atom_sites.fract_transf_vector[3]      1.192489 
# 
_atom_type.symbol   C 
# 
loop_
_atom_site.group_PDB 
_atom_site.id 
_atom_site.type_symbol 
_atom_site.label_atom_id 
_atom_site.label_alt_id 
_atom_site.label_comp_id 
_atom_site.label_asym_id 
_atom_site.label_entity_id 
_atom_site.label_seq_id 
_atom_site.pdbx_PDB_ins_code 
_atom_site.Cartn_x 
_atom_site.Cartn_y 
_atom_site.Cartn_z 
_atom_site.occupancy 
_atom_site.B_iso_or_equiv 
_atom_site.pdbx_formal_charge 
_atom_site.auth_seq_id 
_atom_site.auth_comp_id 
_atom_site.auth_asym_id 
_atom_site.auth_atom_id 
_atom_site.pdbx_PDB_model_num 
ATOM 1   C CA . SER A 1 1   ? 22.816  -25.777 12.884  1.00 73.11 ? 4   SER A CA 1 
ATOM 2   C CA . GLU A 1 2   ? 22.407  -26.077 9.032   1.00 65.98 ? 5   GLU A CA 1 
ATOM 3   C CA . TYR A 1 3   ? 18.639  -25.650 9.055   1.00 47.71 ? 6   TYR A CA 1 
ATOM 4   C CA . CYS A 1 4   ? 19.252  -21.943 8.727   1.00 44.72 ? 7   CYS A CA 1 
ATOM 5   C CA . SER A 1 5   ? 21.346  -21.721 5.555   1.00 47.37 ? 8   SER A CA 1 
ATOM 6   C CA . HIS A 1 6   ? 18.378  -23.128 3.724   1.00 60.32 ? 9   HIS A CA 1 
ATOM 7   C CA . MET A 1 7   ? 15.506  -21.289 5.359   1.00 52.12 ? 10  MET A CA 1 
ATOM 8   C CA . ILE A 1 8   ? 15.095  -17.826 3.626   1.00 49.53 ? 11  ILE A CA 1 
ATOM 9   C CA . GLY A 1 9   ? 14.680  -18.971 0.128   1.00 49.60 ? 12  GLY A CA 1 
ATOM 10  C CA . SER A 1 10  ? 14.277  -16.438 -2.688  1.00 49.99 ? 13  SER A CA 1 
ATOM 11  C CA . GLY A 1 11  ? 10.613  -17.294 -2.861  1.00 40.05 ? 14  GLY A CA 1 
ATOM 12  C CA . HIS A 1 12  ? 10.054  -15.340 0.416   1.00 35.94 ? 15  HIS A CA 1 
ATOM 13  C CA . LEU A 1 13  ? 12.336  -12.620 -0.804  1.00 36.36 ? 16  LEU A CA 1 
ATOM 14  C CA . GLN A 1 14  ? 10.389  -12.370 -4.128  1.00 46.30 ? 17  GLN A CA 1 
ATOM 15  C CA . SER A 1 15  ? 7.144   -12.422 -2.122  1.00 33.44 ? 18  SER A CA 1 
ATOM 16  C CA . LEU A 1 16  ? 8.560   -9.460  -0.151  1.00 36.54 ? 19  LEU A CA 1 
ATOM 17  C CA . GLN A 1 17  ? 9.436   -7.729  -3.385  1.00 35.37 ? 20  GLN A CA 1 
ATOM 18  C CA . ARG A 1 18  ? 5.836   -8.321  -4.587  1.00 35.30 ? 21  ARG A CA 1 
ATOM 19  C CA . LEU A 1 19  ? 4.442   -6.744  -1.412  1.00 36.53 ? 22  LEU A CA 1 
ATOM 20  C CA . ILE A 1 20  ? 6.562   -3.607  -1.908  1.00 31.94 ? 23  ILE A CA 1 
ATOM 21  C CA . ASP A 1 21  ? 5.793   -3.306  -5.597  1.00 31.94 ? 24  ASP A CA 1 
ATOM 22  C CA . SER A 1 22  ? 2.025   -3.495  -4.906  1.00 21.86 ? 25  SER A CA 1 
ATOM 23  C CA . GLN A 1 23  ? 1.985   -0.439  -2.660  1.00 27.92 ? 26  GLN A CA 1 
ATOM 24  C CA . MET A 1 24  ? 0.725   2.816   -4.013  1.00 28.06 ? 27  MET A CA 1 
ATOM 25  C CA . GLU A 1 25  ? 3.388   5.537   -3.599  1.00 36.88 ? 28  GLU A CA 1 
ATOM 26  C CA . THR A 1 26  ? 2.241   7.589   -0.737  1.00 45.71 ? 29  THR A CA 1 
ATOM 27  C CA . SER A 1 27  ? 4.481   9.909   1.179   1.00 50.62 ? 30  SER A CA 1 
ATOM 28  C CA . CYS A 1 28  ? 2.103   9.660   4.121   1.00 38.94 ? 31  CYS A CA 1 
ATOM 29  C CA . GLN A 1 29  ? 4.240   8.677   7.090   1.00 27.49 ? 32  GLN A CA 1 
ATOM 30  C CA . ILE A 1 30  ? 3.676   6.191   9.768   1.00 29.87 ? 33  ILE A CA 1 
ATOM 31  C CA . THR A 1 31  ? 5.139   5.712   13.163  1.00 31.23 ? 34  THR A CA 1 
ATOM 32  C CA . PHE A 1 32  ? 6.755   2.365   13.868  1.00 30.59 ? 35  PHE A CA 1 
ATOM 33  C CA . GLU A 1 33  ? 9.451   1.316   16.421  1.00 31.48 ? 36  GLU A CA 1 
ATOM 34  C CA . PHE A 1 34  ? 12.544  -0.051  14.800  1.00 23.63 ? 37  PHE A CA 1 
ATOM 35  C CA . VAL A 1 35  ? 16.315  -0.413  15.433  1.00 27.13 ? 38  VAL A CA 1 
ATOM 36  C CA . ASP A 1 36  ? 18.338  2.553   15.464  1.00 29.04 ? 39  ASP A CA 1 
ATOM 37  C CA . GLN A 1 37  ? 21.192  1.898   13.086  1.00 42.33 ? 40  GLN A CA 1 
ATOM 38  C CA . GLU A 1 38  ? 23.065  4.813   14.771  1.00 48.37 ? 41  GLU A CA 1 
ATOM 39  C CA . GLN A 1 39  ? 22.949  3.403   18.299  1.00 36.76 ? 42  GLN A CA 1 
ATOM 40  C CA . LEU A 1 40  ? 23.559  -0.242  17.228  1.00 37.35 ? 43  LEU A CA 1 
ATOM 41  C CA . LYS A 1 41  ? 26.108  -0.263  14.475  1.00 40.42 ? 44  LYS A CA 1 
ATOM 42  C CA . ASP A 1 42  ? 27.130  -3.899  14.494  1.00 41.08 ? 45  ASP A CA 1 
ATOM 43  C CA . PRO A 1 43  ? 25.745  -6.014  11.611  1.00 36.40 ? 46  PRO A CA 1 
ATOM 44  C CA . VAL A 1 44  ? 25.024  -9.284  13.361  1.00 33.25 ? 47  VAL A CA 1 
ATOM 45  C CA . CYS A 1 45  ? 23.385  -7.658  16.479  1.00 36.01 ? 48  CYS A CA 1 
ATOM 46  C CA . TYR A 1 46  ? 21.443  -5.049  14.398  1.00 34.09 ? 49  TYR A CA 1 
ATOM 47  C CA . LEU A 1 47  ? 20.055  -7.996  12.351  1.00 22.26 ? 50  LEU A CA 1 
ATOM 48  C CA . LYS A 1 48  ? 19.369  -9.990  15.532  1.00 28.40 ? 51  LYS A CA 1 
ATOM 49  C CA . LYS A 1 49  ? 17.329  -7.223  17.135  1.00 20.94 ? 52  LYS A CA 1 
ATOM 50  C CA . ALA A 1 50  ? 15.741  -6.083  13.881  1.00 23.34 ? 53  ALA A CA 1 
ATOM 51  C CA . PHE A 1 51  ? 14.771  -9.660  13.218  1.00 31.60 ? 54  PHE A CA 1 
ATOM 52  C CA . LEU A 1 52  ? 12.729  -9.661  16.432  1.00 35.57 ? 55  LEU A CA 1 
ATOM 53  C CA . LEU A 1 53  ? 11.147  -6.256  15.688  1.00 34.10 ? 56  LEU A CA 1 
ATOM 54  C CA . VAL A 1 54  ? 10.183  -7.372  12.111  1.00 30.34 ? 57  VAL A CA 1 
ATOM 55  C CA . GLN A 1 55  ? 7.979   -9.941  13.788  1.00 36.46 ? 58  GLN A CA 1 
ATOM 56  C CA . ASP A 1 56  ? 5.999   -7.420  15.755  1.00 38.94 ? 59  ASP A CA 1 
ATOM 57  C CA . ILE A 1 57  ? 5.812   -5.061  12.769  1.00 31.26 ? 60  ILE A CA 1 
ATOM 58  C CA . MET A 1 58  ? 4.399   -7.910  10.652  1.00 31.22 ? 61  MET A CA 1 
ATOM 59  C CA . GLU A 1 59  ? 1.879   -8.836  13.306  1.00 46.37 ? 62  GLU A CA 1 
ATOM 60  C CA . ASP A 1 60  ? 0.746   -5.243  13.904  1.00 51.60 ? 63  ASP A CA 1 
ATOM 61  C CA . THR A 1 61  ? 1.716   -2.829  11.153  1.00 46.91 ? 64  THR A CA 1 
ATOM 62  C CA . MET A 1 62  ? 1.719   -4.981  8.107   1.00 41.49 ? 65  MET A CA 1 
ATOM 63  C CA . ARG A 1 63  ? -1.993  -5.688  7.826   1.00 45.25 ? 66  ARG A CA 1 
ATOM 64  C CA . PHE A 1 64  ? -3.505  -6.718  4.445   1.00 33.73 ? 67  PHE A CA 1 
ATOM 65  C CA . ARG A 1 65  ? -6.971  -8.157  4.144   1.00 40.91 ? 68  ARG A CA 1 
ATOM 66  C CA . ASP A 1 66  ? -7.773  -11.845 4.830   1.00 45.20 ? 69  ASP A CA 1 
ATOM 67  C CA . ASN A 1 67  ? -6.925  -14.206 1.931   1.00 35.41 ? 70  ASN A CA 1 
ATOM 68  C CA . THR A 1 68  ? -5.311  -11.782 -0.404  1.00 27.74 ? 71  THR A CA 1 
ATOM 69  C CA . PRO A 1 69  ? -1.834  -12.802 -1.747  1.00 31.07 ? 72  PRO A CA 1 
ATOM 70  C CA . ASN A 1 70  ? -0.164  -10.123 0.403   1.00 32.59 ? 73  ASN A CA 1 
ATOM 71  C CA . ALA A 1 71  ? -1.808  -11.502 3.567   1.00 24.14 ? 74  ALA A CA 1 
ATOM 72  C CA . ILE A 1 72  ? -0.702  -15.086 2.570   1.00 28.00 ? 75  ILE A CA 1 
ATOM 73  C CA . ALA A 1 73  ? 2.789   -13.877 2.010   1.00 25.58 ? 76  ALA A CA 1 
ATOM 74  C CA . ILE A 1 74  ? 3.013   -12.251 5.505   1.00 22.76 ? 77  ILE A CA 1 
ATOM 75  C CA . VAL A 1 75  ? 1.714   -15.598 6.935   1.00 24.41 ? 78  VAL A CA 1 
ATOM 76  C CA . GLN A 1 76  ? 4.626   -17.278 5.061   1.00 33.96 ? 79  GLN A CA 1 
ATOM 77  C CA . LEU A 1 77  ? 7.222   -14.860 6.301   1.00 25.96 ? 80  LEU A CA 1 
ATOM 78  C CA . GLN A 1 78  ? 5.745   -15.098 9.824   1.00 22.37 ? 81  GLN A CA 1 
ATOM 79  C CA . GLU A 1 79  ? 5.919   -18.862 9.479   1.00 32.45 ? 82  GLU A CA 1 
ATOM 80  C CA . LEU A 1 80  ? 9.492   -18.787 8.212   1.00 27.34 ? 83  LEU A CA 1 
ATOM 81  C CA . SER A 1 81  ? 10.243  -16.438 11.135  1.00 40.97 ? 84  SER A CA 1 
ATOM 82  C CA . LEU A 1 82  ? 9.016   -18.903 13.755  1.00 45.74 ? 85  LEU A CA 1 
ATOM 83  C CA . ARG A 1 83  ? 11.143  -21.690 12.280  1.00 41.25 ? 86  ARG A CA 1 
ATOM 84  C CA . LEU A 1 84  ? 14.105  -19.361 11.933  1.00 39.71 ? 87  LEU A CA 1 
ATOM 85  C CA . LYS A 1 85  ? 13.782  -18.384 15.698  1.00 44.68 ? 88  LYS A CA 1 
ATOM 86  C CA . SER A 1 86  ? 15.741  -21.499 16.213  1.00 48.64 ? 89  SER A CA 1 
ATOM 87  C CA . CYS A 1 87  ? 18.807  -19.987 14.438  1.00 37.97 ? 90  CYS A CA 1 
ATOM 88  C CA . PHE A 1 88  ? 18.947  -17.045 16.880  1.00 46.06 ? 91  PHE A CA 1 
ATOM 89  C CA . THR A 1 89  ? 20.037  -17.079 20.523  1.00 42.14 ? 92  THR A CA 1 
ATOM 90  C CA . LYS A 1 90  ? 17.957  -15.192 23.094  1.00 42.30 ? 93  LYS A CA 1 
ATOM 91  C CA . ASP A 1 91  ? 19.908  -12.272 24.582  1.00 48.13 ? 94  ASP A CA 1 
ATOM 92  C CA . TYR A 1 92  ? 19.020  -10.570 27.957  1.00 59.98 ? 95  TYR A CA 1 
ATOM 93  C CA . GLU A 1 93  ? 15.235  -10.090 28.240  1.00 73.95 ? 96  GLU A CA 1 
ATOM 94  C CA . GLU A 1 94  ? 15.913  -6.887  30.124  1.00 71.72 ? 97  GLU A CA 1 
ATOM 95  C CA . HIS A 1 95  ? 17.739  -5.641  26.925  1.00 54.89 ? 98  HIS A CA 1 
ATOM 96  C CA . ASP A 1 96  ? 14.582  -5.968  24.879  1.00 51.67 ? 99  ASP A CA 1 
ATOM 97  C CA . LYS A 1 97  ? 13.803  -2.288  24.405  1.00 44.14 ? 100 LYS A CA 1 
ATOM 98  C CA . ALA A 1 98  ? 17.465  -1.271  24.051  1.00 42.37 ? 101 ALA A CA 1 
ATOM 99  C CA . CYS A 1 99  ? 18.455  0.001   20.607  1.00 39.26 ? 102 CYS A CA 1 
ATOM 100 C CA . VAL A 1 100 ? 14.985  0.803   19.342  1.00 35.20 ? 103 VAL A CA 1 
ATOM 101 C CA . ARG A 1 101 ? 13.564  4.160   18.286  1.00 32.61 ? 104 ARG A CA 1 
ATOM 102 C CA . THR A 1 102 ? 10.279  5.607   16.874  1.00 32.71 ? 105 THR A CA 1 
ATOM 103 C CA . PHE A 1 103 ? 10.637  6.105   13.189  1.00 26.52 ? 106 PHE A CA 1 
ATOM 104 C CA . TYR A 1 104 ? 8.112   8.315   11.262  1.00 27.47 ? 107 TYR A CA 1 
ATOM 105 C CA . GLU A 1 105 ? 8.646   7.010   7.783   1.00 26.03 ? 108 GLU A CA 1 
ATOM 106 C CA . THR A 1 106 ? 6.629   6.180   4.665   1.00 30.97 ? 109 THR A CA 1 
ATOM 107 C CA . PRO A 1 107 ? 5.014   2.634   4.485   1.00 23.12 ? 110 PRO A CA 1 
ATOM 108 C CA . LEU A 1 108 ? 7.369   2.014   1.537   1.00 34.66 ? 111 LEU A CA 1 
ATOM 109 C CA . GLN A 1 109 ? 10.384  2.853   3.798   1.00 37.51 ? 112 GLN A CA 1 
ATOM 110 C CA . LEU A 1 110 ? 9.106   0.602   6.568   1.00 24.37 ? 113 LEU A CA 1 
ATOM 111 C CA . LEU A 1 111 ? 8.749   -2.118  3.894   1.00 29.03 ? 114 LEU A CA 1 
ATOM 112 C CA . GLU A 1 112 ? 12.211  -1.379  2.640   1.00 31.73 ? 115 GLU A CA 1 
ATOM 113 C CA . LYS A 1 113 ? 13.456  -1.917  6.248   1.00 29.04 ? 116 LYS A CA 1 
ATOM 114 C CA . VAL A 1 114 ? 11.577  -5.272  6.628   1.00 19.74 ? 117 VAL A CA 1 
ATOM 115 C CA . LYS A 1 115 ? 12.836  -6.569  3.223   1.00 33.07 ? 118 LYS A CA 1 
ATOM 116 C CA . ASN A 1 116 ? 16.448  -5.631  4.028   1.00 35.32 ? 119 ASN A CA 1 
ATOM 117 C CA . VAL A 1 117 ? 16.313  -7.623  7.398   1.00 31.62 ? 120 VAL A CA 1 
ATOM 118 C CA . PHE A 1 118 ? 15.267  -10.759 5.502   1.00 25.16 ? 121 PHE A CA 1 
ATOM 119 C CA . ASN A 1 119 ? 17.646  -10.111 2.532   1.00 32.17 ? 122 ASN A CA 1 
ATOM 120 C CA . GLU A 1 120 ? 20.622  -9.419  4.801   1.00 41.45 ? 123 GLU A CA 1 
ATOM 121 C CA . THR A 1 121 ? 19.837  -12.172 7.357   1.00 41.41 ? 124 THR A CA 1 
ATOM 122 C CA . LYS A 1 122 ? 19.846  -14.500 4.253   1.00 47.72 ? 125 LYS A CA 1 
ATOM 123 C CA . ASN A 1 123 ? 23.325  -13.288 3.186   1.00 49.75 ? 126 ASN A CA 1 
ATOM 124 C CA . LEU A 1 124 ? 24.680  -13.818 6.632   1.00 49.40 ? 127 LEU A CA 1 
ATOM 125 C CA . LEU A 1 125 ? 22.981  -17.067 7.426   1.00 44.86 ? 128 LEU A CA 1 
ATOM 126 C CA . ASP A 1 126 ? 24.447  -18.194 4.066   1.00 56.94 ? 129 ASP A CA 1 
ATOM 127 C CA . LYS A 1 127 ? 27.962  -16.878 4.695   1.00 59.00 ? 130 LYS A CA 1 
ATOM 128 C CA . ASP A 1 128 ? 27.956  -18.681 8.090   1.00 44.05 ? 131 ASP A CA 1 
ATOM 129 C CA . TRP A 1 129 ? 24.743  -20.631 9.135   1.00 39.77 ? 132 TRP A CA 1 
ATOM 130 C CA . ASN A 1 130 ? 25.442  -19.959 12.777  1.00 53.99 ? 133 ASN A CA 1 
ATOM 131 C CA . ILE A 1 131 ? 26.241  -16.281 12.875  1.00 45.63 ? 134 ILE A CA 1 
ATOM 132 C CA . PHE A 1 132 ? 23.144  -15.321 14.888  1.00 43.52 ? 135 PHE A CA 1 
ATOM 133 C CA . SER A 1 133 ? 24.333  -17.401 17.726  1.00 48.51 ? 136 SER A CA 1 
ATOM 134 C CA . LYS A 1 134 ? 26.209  -14.171 18.685  1.00 37.93 ? 137 LYS A CA 1 
ATOM 135 C CA . ASN A 1 135 ? 26.004  -12.764 22.107  1.00 48.80 ? 138 ASN A CA 1 
ATOM 136 C CA . CYS A 1 136 ? 24.721  -9.330  21.594  1.00 42.69 ? 139 CYS A CA 1 
ATOM 137 C CA . ASN A 1 137 ? 24.202  -8.262  25.232  1.00 41.92 ? 140 ASN A CA 1 
ATOM 138 C CA . ASN A 1 138 ? 27.236  -6.159  25.199  1.00 50.15 ? 141 ASN A CA 1 
ATOM 139 C CA . SER A 1 139 ? 26.325  -4.376  21.927  1.00 38.92 ? 142 SER A CA 1 
ATOM 140 C CA . PHE A 1 140 ? 22.800  -3.677  23.238  1.00 30.05 ? 143 PHE A CA 1 
ATOM 141 C CA . ALA A 1 141 ? 24.242  -2.222  26.455  1.00 34.19 ? 144 ALA A CA 1 
ATOM 142 C CA . GLU A 1 142 ? 26.221  0.227   24.442  1.00 31.73 ? 145 GLU A CA 1 
ATOM 143 C CA . CYS A 1 143 ? 23.023  1.759   22.927  1.00 42.05 ? 146 CYS A CA 1 
ATOM 144 C CA . SER A 1 144 ? 22.532  5.300   24.075  1.00 50.58 ? 147 SER A CA 1 
ATOM 145 C CA . SER A 1 145 ? 18.785  5.090   24.677  1.00 53.97 ? 148 SER A CA 1 
ATOM 146 C CA . GLN A 1 146 ? 15.486  3.529   25.476  1.00 66.54 ? 149 GLN A CA 1 
ATOM 147 C CA . GLY A 1 147 ? 15.087  0.572   27.996  1.00 85.52 ? 150 GLY A CA 1 
ATOM 148 C CA . HIS A 1 148 ? 11.249  0.826   27.842  1.00 80.33 ? 151 HIS A CA 1 
ATOM 149 C CA . SER B 1 1   ? -22.774 5.840   -28.420 1.00 36.80 ? 4   SER B CA 1 
ATOM 150 C CA . GLU B 1 2   ? -24.304 2.465   -27.570 1.00 45.25 ? 5   GLU B CA 1 
ATOM 151 C CA . TYR B 1 3   ? -20.608 1.484   -27.295 1.00 37.11 ? 6   TYR B CA 1 
ATOM 152 C CA . CYS B 1 4   ? -20.468 3.170   -23.940 1.00 26.42 ? 7   CYS B CA 1 
ATOM 153 C CA . SER B 1 5   ? -22.102 0.263   -22.267 1.00 27.90 ? 8   SER B CA 1 
ATOM 154 C CA . HIS B 1 6   ? -19.443 -2.226  -23.170 1.00 27.63 ? 9   HIS B CA 1 
ATOM 155 C CA . MET B 1 7   ? -16.467 -0.122  -22.229 1.00 29.03 ? 10  MET B CA 1 
ATOM 156 C CA . ILE B 1 8   ? -16.012 -0.905  -18.557 1.00 27.99 ? 11  ILE B CA 1 
ATOM 157 C CA . GLY B 1 9   ? -15.709 -4.603  -18.566 1.00 38.10 ? 12  GLY B CA 1 
ATOM 158 C CA . SER B 1 10  ? -15.898 -6.559  -15.306 1.00 36.64 ? 13  SER B CA 1 
ATOM 159 C CA . GLY B 1 11  ? -12.149 -7.282  -15.713 1.00 32.95 ? 14  GLY B CA 1 
ATOM 160 C CA . HIS B 1 12  ? -11.657 -3.504  -15.077 1.00 30.78 ? 15  HIS B CA 1 
ATOM 161 C CA . LEU B 1 13  ? -13.611 -3.698  -11.887 1.00 29.09 ? 16  LEU B CA 1 
ATOM 162 C CA . GLN B 1 14  ? -11.924 -6.903  -10.774 1.00 28.54 ? 17  GLN B CA 1 
ATOM 163 C CA . SER B 1 15  ? -8.359  -5.535  -11.313 1.00 27.03 ? 18  SER B CA 1 
ATOM 164 C CA . LEU B 1 16  ? -9.342  -2.407  -9.336  1.00 29.57 ? 19  LEU B CA 1 
ATOM 165 C CA . GLN B 1 17  ? -10.334 -4.744  -6.477  1.00 28.18 ? 20  GLN B CA 1 
ATOM 166 C CA . ARG B 1 18  ? -7.105  -6.808  -6.937  1.00 35.92 ? 21  ARG B CA 1 
ATOM 167 C CA . LEU B 1 19  ? -5.320  -3.443  -6.201  1.00 32.37 ? 22  LEU B CA 1 
ATOM 168 C CA . ILE B 1 20  ? -7.546  -2.248  -3.271  1.00 26.43 ? 23  ILE B CA 1 
ATOM 169 C CA . ASP B 1 21  ? -6.870  -5.711  -1.724  1.00 26.40 ? 24  ASP B CA 1 
ATOM 170 C CA . SER B 1 22  ? -3.100  -5.420  -2.365  1.00 23.05 ? 25  SER B CA 1 
ATOM 171 C CA . GLN B 1 23  ? -2.754  -2.296  -0.191  1.00 29.63 ? 26  GLN B CA 1 
ATOM 172 C CA . MET B 1 24  ? -1.426  -2.392  3.363   1.00 27.67 ? 27  MET B CA 1 
ATOM 173 C CA . GLU B 1 25  ? -3.998  -0.994  5.725   1.00 39.94 ? 28  GLU B CA 1 
ATOM 174 C CA . THR B 1 26  ? -1.767  1.612   7.442   1.00 55.41 ? 29  THR B CA 1 
ATOM 175 C CA . SER B 1 27  ? -3.182  4.664   9.415   1.00 58.02 ? 30  SER B CA 1 
ATOM 176 C CA . CYS B 1 28  ? -1.575  6.582   6.549   1.00 45.21 ? 31  CYS B CA 1 
ATOM 177 C CA . GLN B 1 29  ? -3.931  9.176   5.341   1.00 36.20 ? 32  GLN B CA 1 
ATOM 178 C CA . ILE B 1 30  ? -3.408  11.366  2.311   1.00 32.57 ? 33  ILE B CA 1 
ATOM 179 C CA . THR B 1 31  ? -5.117  14.423  1.029   1.00 42.39 ? 34  THR B CA 1 
ATOM 180 C CA . PHE B 1 32  ? -6.751  14.563  -2.273  1.00 33.90 ? 35  PHE B CA 1 
ATOM 181 C CA . GLU B 1 33  ? -9.730  16.352  -3.827  1.00 39.63 ? 36  GLU B CA 1 
ATOM 182 C CA . PHE B 1 34  ? -12.868 14.664  -4.753  1.00 33.60 ? 37  PHE B CA 1 
ATOM 183 C CA . VAL B 1 35  ? -16.562 15.401  -5.231  1.00 39.86 ? 38  VAL B CA 1 
ATOM 184 C CA . ASP B 1 36  ? -18.315 16.108  -1.929  1.00 50.23 ? 39  ASP B CA 1 
ATOM 185 C CA . GLN B 1 37  ? -21.010 13.438  -2.157  1.00 55.78 ? 40  GLN B CA 1 
ATOM 186 C CA . GLU B 1 38  ? -23.197 15.769  -0.089  1.00 68.10 ? 41  GLU B CA 1 
ATOM 187 C CA . GLN B 1 39  ? -22.937 18.945  -2.207  1.00 66.07 ? 42  GLN B CA 1 
ATOM 188 C CA . LEU B 1 40  ? -23.418 17.442  -5.643  1.00 54.32 ? 43  LEU B CA 1 
ATOM 189 C CA . LYS B 1 41  ? -26.235 15.063  -4.803  1.00 61.05 ? 44  LYS B CA 1 
ATOM 190 C CA . ASP B 1 42  ? -27.810 14.176  -8.154  1.00 49.45 ? 45  ASP B CA 1 
ATOM 191 C CA . PRO B 1 43  ? -26.453 10.658  -8.925  1.00 38.31 ? 46  PRO B CA 1 
ATOM 192 C CA . VAL B 1 44  ? -25.373 11.311  -12.555 1.00 31.09 ? 47  VAL B CA 1 
ATOM 193 C CA . CYS B 1 45  ? -23.951 14.827  -12.163 1.00 28.07 ? 48  CYS B CA 1 
ATOM 194 C CA . TYR B 1 46  ? -21.945 13.423  -9.247  1.00 30.68 ? 49  TYR B CA 1 
ATOM 195 C CA . LEU B 1 47  ? -20.520 10.761  -11.545 1.00 27.29 ? 50  LEU B CA 1 
ATOM 196 C CA . LYS B 1 48  ? -19.915 13.362  -14.179 1.00 27.58 ? 51  LYS B CA 1 
ATOM 197 C CA . LYS B 1 49  ? -17.722 15.353  -11.768 1.00 28.06 ? 52  LYS B CA 1 
ATOM 198 C CA . ALA B 1 50  ? -16.384 12.178  -10.047 1.00 24.88 ? 53  ALA B CA 1 
ATOM 199 C CA . PHE B 1 51  ? -15.182 10.744  -13.401 1.00 32.76 ? 54  PHE B CA 1 
ATOM 200 C CA . LEU B 1 52  ? -13.293 13.999  -14.049 1.00 29.90 ? 55  LEU B CA 1 
ATOM 201 C CA . LEU B 1 53  ? -11.425 14.226  -10.725 1.00 24.33 ? 56  LEU B CA 1 
ATOM 202 C CA . VAL B 1 54  ? -10.693 10.460  -11.067 1.00 23.84 ? 57  VAL B CA 1 
ATOM 203 C CA . GLN B 1 55  ? -8.433  10.998  -14.083 1.00 30.84 ? 58  GLN B CA 1 
ATOM 204 C CA . ASP B 1 56  ? -6.145  13.459  -12.181 1.00 35.34 ? 59  ASP B CA 1 
ATOM 205 C CA . ILE B 1 57  ? -6.119  11.198  -9.062  1.00 17.72 ? 60  ILE B CA 1 
ATOM 206 C CA . MET B 1 58  ? -4.884  8.416   -11.393 1.00 25.50 ? 61  MET B CA 1 
ATOM 207 C CA . GLU B 1 59  ? -2.272  10.697  -12.877 1.00 38.47 ? 62  GLU B CA 1 
ATOM 208 C CA . ASP B 1 60  ? -0.988  12.276  -9.679  1.00 44.96 ? 63  ASP B CA 1 
ATOM 209 C CA . THR B 1 61  ? -1.939  10.199  -6.720  1.00 37.42 ? 64  THR B CA 1 
ATOM 210 C CA . MET B 1 62  ? -2.345  6.585   -7.815  1.00 30.44 ? 65  MET B CA 1 
ATOM 211 C CA . ARG B 1 63  ? 1.316   6.149   -8.449  1.00 39.66 ? 66  ARG B CA 1 
ATOM 212 C CA . PHE B 1 64  ? 2.696   2.590   -8.552  1.00 37.25 ? 67  PHE B CA 1 
ATOM 213 C CA . ARG B 1 65  ? 6.034   1.272   -9.617  1.00 53.40 ? 68  ARG B CA 1 
ATOM 214 C CA . ASP B 1 66  ? 6.380   0.932   -13.299 1.00 58.87 ? 69  ASP B CA 1 
ATOM 215 C CA . ASN B 1 67  ? 5.643   -2.260  -15.066 1.00 53.40 ? 70  ASN B CA 1 
ATOM 216 C CA . THR B 1 68  ? 4.172   -3.899  -12.058 1.00 43.86 ? 71  THR B CA 1 
ATOM 217 C CA . PRO B 1 69  ? 0.711   -5.595  -12.272 1.00 46.00 ? 72  PRO B CA 1 
ATOM 218 C CA . ASN B 1 70  ? -0.765  -2.595  -10.468 1.00 35.44 ? 73  ASN B CA 1 
ATOM 219 C CA . ALA B 1 71  ? 0.976   0.173   -12.523 1.00 30.75 ? 74  ALA B CA 1 
ATOM 220 C CA . ILE B 1 72  ? -0.389  -1.637  -15.550 1.00 35.22 ? 75  ILE B CA 1 
ATOM 221 C CA . ALA B 1 73  ? -3.876  -1.791  -14.112 1.00 30.49 ? 76  ALA B CA 1 
ATOM 222 C CA . ILE B 1 74  ? -4.116  2.012   -13.788 1.00 31.66 ? 77  ILE B CA 1 
ATOM 223 C CA . VAL B 1 75  ? -2.718  2.246   -17.417 1.00 32.45 ? 78  VAL B CA 1 
ATOM 224 C CA . GLN B 1 76  ? -5.597  0.031   -18.507 1.00 31.59 ? 79  GLN B CA 1 
ATOM 225 C CA . LEU B 1 77  ? -8.053  2.126   -16.504 1.00 22.38 ? 80  LEU B CA 1 
ATOM 226 C CA . GLN B 1 78  ? -6.680  5.400   -17.852 1.00 25.55 ? 81  GLN B CA 1 
ATOM 227 C CA . GLU B 1 79  ? -6.960  3.951   -21.415 1.00 26.03 ? 82  GLU B CA 1 
ATOM 228 C CA . LEU B 1 80  ? -10.497 3.045   -20.381 1.00 24.32 ? 83  LEU B CA 1 
ATOM 229 C CA . SER B 1 81  ? -11.144 6.615   -19.304 1.00 32.62 ? 84  SER B CA 1 
ATOM 230 C CA . LEU B 1 82  ? -9.975  7.979   -22.617 1.00 28.08 ? 85  LEU B CA 1 
ATOM 231 C CA . ARG B 1 83  ? -12.536 5.666   -24.284 1.00 26.77 ? 86  ARG B CA 1 
ATOM 232 C CA . LEU B 1 84  ? -15.152 6.914   -21.803 1.00 28.48 ? 87  LEU B CA 1 
ATOM 233 C CA . LYS B 1 85  ? -14.512 10.626  -22.712 1.00 34.20 ? 88  LYS B CA 1 
ATOM 234 C CA . SER B 1 86  ? -16.857 10.159  -25.702 1.00 26.37 ? 89  SER B CA 1 
ATOM 235 C CA . CYS B 1 87  ? -19.707 9.321   -23.281 1.00 19.55 ? 90  CYS B CA 1 
ATOM 236 C CA . PHE B 1 88  ? -19.569 12.313  -21.026 1.00 29.32 ? 91  PHE B CA 1 
ATOM 237 C CA . THR B 1 89  ? -20.792 15.713  -22.113 1.00 44.23 ? 92  THR B CA 1 
ATOM 238 C CA . LYS B 1 90  ? -18.322 18.557  -21.234 1.00 55.86 ? 93  LYS B CA 1 
ATOM 239 C CA . ASP B 1 91  ? -20.132 21.026  -18.851 1.00 54.60 ? 94  ASP B CA 1 
ATOM 240 C CA . TYR B 1 92  ? -18.977 24.686  -18.362 1.00 70.72 ? 95  TYR B CA 1 
ATOM 241 C CA . GLU B 1 93  ? -15.175 24.797  -17.879 1.00 76.94 ? 96  GLU B CA 1 
ATOM 242 C CA . GLU B 1 94  ? -15.680 27.451  -15.090 1.00 78.35 ? 97  GLU B CA 1 
ATOM 243 C CA . HIS B 1 95  ? -17.729 24.795  -13.301 1.00 72.36 ? 98  HIS B CA 1 
ATOM 244 C CA . ASP B 1 96  ? -14.631 22.552  -13.238 1.00 74.17 ? 99  ASP B CA 1 
ATOM 245 C CA . LYS B 1 97  ? -13.900 23.438  -9.557  1.00 68.15 ? 100 LYS B CA 1 
ATOM 246 C CA . ALA B 1 98  ? -17.547 23.419  -8.593  1.00 65.11 ? 101 ALA B CA 1 
ATOM 247 C CA . CYS B 1 99  ? -18.136 20.615  -6.212  1.00 56.40 ? 102 CYS B CA 1 
ATOM 248 C CA . VAL B 1 100 ? -14.668 19.597  -5.094  1.00 52.23 ? 103 VAL B CA 1 
ATOM 249 C CA . ARG B 1 101 ? -13.193 19.625  -1.594  1.00 56.55 ? 104 ARG B CA 1 
ATOM 250 C CA . THR B 1 102 ? -10.062 18.014  -0.224  1.00 49.18 ? 105 THR B CA 1 
ATOM 251 C CA . PHE B 1 103 ? -10.193 14.828  1.748   1.00 36.57 ? 106 PHE B CA 1 
ATOM 252 C CA . TYR B 1 104 ? -7.540  13.537  4.184   1.00 37.85 ? 107 TYR B CA 1 
ATOM 253 C CA . GLU B 1 105 ? -8.162  9.771   3.943   1.00 31.96 ? 108 GLU B CA 1 
ATOM 254 C CA . THR B 1 106 ? -6.418  6.479   3.432   1.00 36.75 ? 109 THR B CA 1 
ATOM 255 C CA . PRO B 1 107 ? -5.146  5.087   0.128   1.00 41.42 ? 110 PRO B CA 1 
ATOM 256 C CA . LEU B 1 108 ? -7.869  2.431   0.591   1.00 42.28 ? 111 LEU B CA 1 
ATOM 257 C CA . GLN B 1 109 ? -10.668 4.976   1.003   1.00 33.44 ? 112 GLN B CA 1 
ATOM 258 C CA . LEU B 1 110 ? -9.422  6.821   -2.064  1.00 30.01 ? 113 LEU B CA 1 
ATOM 259 C CA . LEU B 1 111 ? -9.189  3.497   -4.118  1.00 30.11 ? 114 LEU B CA 1 
ATOM 260 C CA . GLU B 1 112 ? -12.662 2.529   -2.808  1.00 29.65 ? 115 GLU B CA 1 
ATOM 261 C CA . LYS B 1 113 ? -13.958 5.816   -4.352  1.00 29.76 ? 116 LYS B CA 1 
ATOM 262 C CA . VAL B 1 114 ? -12.124 5.378   -7.738  1.00 20.73 ? 117 VAL B CA 1 
ATOM 263 C CA . LYS B 1 115 ? -13.583 1.791   -7.773  1.00 29.44 ? 118 LYS B CA 1 
ATOM 264 C CA . ASN B 1 116 ? -17.020 3.172   -6.893  1.00 35.73 ? 119 ASN B CA 1 
ATOM 265 C CA . VAL B 1 117 ? -16.965 5.877   -9.699  1.00 29.50 ? 120 VAL B CA 1 
ATOM 266 C CA . PHE B 1 118 ? -16.099 3.146   -12.249 1.00 24.92 ? 121 PHE B CA 1 
ATOM 267 C CA . ASN B 1 119 ? -18.627 0.700   -10.893 1.00 24.39 ? 122 ASN B CA 1 
ATOM 268 C CA . GLU B 1 120 ? -21.523 3.112   -10.658 1.00 26.35 ? 123 GLU B CA 1 
ATOM 269 C CA . THR B 1 121 ? -20.506 4.608   -14.087 1.00 29.87 ? 124 THR B CA 1 
ATOM 270 C CA . LYS B 1 122 ? -20.680 1.046   -15.506 1.00 32.87 ? 125 LYS B CA 1 
ATOM 271 C CA . ASN B 1 123 ? -24.007 0.439   -13.856 1.00 31.09 ? 126 ASN B CA 1 
ATOM 272 C CA . LEU B 1 124 ? -25.602 3.645   -15.234 1.00 31.30 ? 127 LEU B CA 1 
ATOM 273 C CA . LEU B 1 125 ? -24.174 3.220   -18.707 1.00 20.66 ? 128 LEU B CA 1 
ATOM 274 C CA . ASP B 1 126 ? -26.144 -0.076  -18.756 1.00 28.29 ? 129 ASP B CA 1 
ATOM 275 C CA . LYS B 1 127 ? -29.292 1.611   -17.582 1.00 27.26 ? 130 LYS B CA 1 
ATOM 276 C CA . ASP B 1 128 ? -29.085 4.150   -20.408 1.00 21.50 ? 131 ASP B CA 1 
ATOM 277 C CA . TRP B 1 129 ? -25.866 4.567   -22.503 1.00 16.00 ? 132 TRP B CA 1 
ATOM 278 C CA . ASN B 1 130 ? -26.583 8.220   -23.008 1.00 30.91 ? 133 ASN B CA 1 
ATOM 279 C CA . ILE B 1 131 ? -27.136 9.202   -19.340 1.00 29.21 ? 134 ILE B CA 1 
ATOM 280 C CA . PHE B 1 132 ? -23.899 11.241  -19.282 1.00 37.39 ? 135 PHE B CA 1 
ATOM 281 C CA . SER B 1 133 ? -25.394 13.645  -21.687 1.00 48.49 ? 136 SER B CA 1 
ATOM 282 C CA . LYS B 1 134 ? -26.807 15.642  -18.864 1.00 50.69 ? 137 LYS B CA 1 
ATOM 283 C CA . ASN B 1 135 ? -26.280 19.288  -18.497 1.00 61.84 ? 138 ASN B CA 1 
ATOM 284 C CA . CYS B 1 136 ? -25.094 19.228  -14.933 1.00 53.14 ? 139 CYS B CA 1 
ATOM 285 C CA . ASN B 1 137 ? -24.332 22.987  -15.016 1.00 58.39 ? 140 ASN B CA 1 
ATOM 286 C CA . ASN B 1 138 ? -27.305 23.697  -12.764 1.00 64.57 ? 141 ASN B CA 1 
ATOM 287 C CA . SER B 1 139 ? -26.372 20.938  -10.261 1.00 51.87 ? 142 SER B CA 1 
ATOM 288 C CA . PHE B 1 140 ? -22.760 22.154  -10.354 1.00 44.28 ? 143 PHE B CA 1 
ATOM 289 C CA . ALA B 1 141 ? -24.202 25.244  -8.770  1.00 63.17 ? 144 ALA B CA 1 
ATOM 290 C CA . GLU B 1 142 ? -26.852 23.829  -6.427  1.00 73.80 ? 145 GLU B CA 1 
ATOM 291 C CA . CYS B 1 143 ? -23.748 22.525  -4.592  1.00 76.11 ? 146 CYS B CA 1 
# 
